data_2K38
# 
_entry.id   2K38 
# 
_audit_conform.dict_name       mmcif_pdbx.dic 
_audit_conform.dict_version    5.399 
_audit_conform.dict_location   http://mmcif.pdb.org/dictionaries/ascii/mmcif_pdbx.dic 
# 
loop_
_database_2.database_id 
_database_2.database_code 
_database_2.pdbx_database_accession 
_database_2.pdbx_DOI 
PDB   2K38         pdb_00002k38 10.2210/pdb2k38/pdb 
RCSB  RCSB100619   ?            ?                   
WWPDB D_1000100619 ?            ?                   
# 
loop_
_pdbx_audit_revision_history.ordinal 
_pdbx_audit_revision_history.data_content_type 
_pdbx_audit_revision_history.major_revision 
_pdbx_audit_revision_history.minor_revision 
_pdbx_audit_revision_history.revision_date 
1 'Structure model' 1 0 2008-05-20 
2 'Structure model' 1 1 2011-07-13 
3 'Structure model' 1 2 2022-03-16 
4 'Structure model' 1 3 2024-11-20 
# 
_pdbx_audit_revision_details.ordinal             1 
_pdbx_audit_revision_details.revision_ordinal    1 
_pdbx_audit_revision_details.data_content_type   'Structure model' 
_pdbx_audit_revision_details.provider            repository 
_pdbx_audit_revision_details.type                'Initial release' 
_pdbx_audit_revision_details.description         ? 
_pdbx_audit_revision_details.details             ? 
# 
loop_
_pdbx_audit_revision_group.ordinal 
_pdbx_audit_revision_group.revision_ordinal 
_pdbx_audit_revision_group.data_content_type 
_pdbx_audit_revision_group.group 
1 2 'Structure model' 'Version format compliance' 
2 3 'Structure model' 'Data collection'           
3 3 'Structure model' 'Database references'       
4 3 'Structure model' 'Derived calculations'      
5 4 'Structure model' 'Data collection'           
6 4 'Structure model' 'Structure summary'         
# 
loop_
_pdbx_audit_revision_category.ordinal 
_pdbx_audit_revision_category.revision_ordinal 
_pdbx_audit_revision_category.data_content_type 
_pdbx_audit_revision_category.category 
1  3 'Structure model' database_2                
2  3 'Structure model' pdbx_nmr_software         
3  3 'Structure model' pdbx_struct_assembly      
4  3 'Structure model' pdbx_struct_oper_list     
5  3 'Structure model' struct_conn               
6  3 'Structure model' struct_site               
7  4 'Structure model' chem_comp_atom            
8  4 'Structure model' chem_comp_bond            
9  4 'Structure model' pdbx_entry_details        
10 4 'Structure model' pdbx_modification_feature 
# 
loop_
_pdbx_audit_revision_item.ordinal 
_pdbx_audit_revision_item.revision_ordinal 
_pdbx_audit_revision_item.data_content_type 
_pdbx_audit_revision_item.item 
1 3 'Structure model' '_database_2.pdbx_DOI'                
2 3 'Structure model' '_database_2.pdbx_database_accession' 
3 3 'Structure model' '_pdbx_nmr_software.name'             
4 3 'Structure model' '_struct_conn.pdbx_leaving_atom_flag' 
5 3 'Structure model' '_struct_site.pdbx_auth_asym_id'      
6 3 'Structure model' '_struct_site.pdbx_auth_comp_id'      
7 3 'Structure model' '_struct_site.pdbx_auth_seq_id'       
# 
_pdbx_database_status.deposit_site                    BMRB 
_pdbx_database_status.entry_id                        2K38 
_pdbx_database_status.process_site                    RCSB 
_pdbx_database_status.recvd_initial_deposition_date   2008-04-23 
_pdbx_database_status.SG_entry                        ? 
_pdbx_database_status.status_code                     REL 
_pdbx_database_status.status_code_mr                  REL 
_pdbx_database_status.status_code_sf                  ? 
_pdbx_database_status.status_code_cs                  ? 
_pdbx_database_status.pdb_format_compatible           Y 
_pdbx_database_status.status_code_nmr_data            ? 
_pdbx_database_status.methods_development_category    ? 
# 
loop_
_audit_author.name 
_audit_author.pdbx_ordinal 
'Pukala, T.L.'     1 
'Boland, M.P.'     2 
'Gehman, J.D.'     3 
'Kuhn-Nentwig, L.' 4 
'Separovic, F.'    5 
'Bowie, J.H.'      6 
# 
_citation.id                        primary 
_citation.title                     
'Solution structure and interaction of cupiennin 1a, a spider venom peptide, with phospholipid bilayers' 
_citation.journal_abbrev            Biochemistry 
_citation.journal_volume            46 
_citation.page_first                3576 
_citation.page_last                 3585 
_citation.year                      2007 
_citation.journal_id_ASTM           BICHAW 
_citation.country                   US 
_citation.journal_id_ISSN           0006-2960 
_citation.journal_id_CSD            0033 
_citation.book_publisher            ? 
_citation.pdbx_database_id_PubMed   17319697 
_citation.pdbx_database_id_DOI      10.1021/bi062306+ 
# 
loop_
_citation_author.citation_id 
_citation_author.name 
_citation_author.ordinal 
_citation_author.identifier_ORCID 
primary 'Pukala, T.L.'     1 ? 
primary 'Boland, M.P.'     2 ? 
primary 'Gehman, J.D.'     3 ? 
primary 'Kuhn-Nentwig, L.' 4 ? 
primary 'Separovic, F.'    5 ? 
primary 'Bowie, J.H.'      6 ? 
# 
_entity.id                         1 
_entity.type                       polymer 
_entity.src_method                 nat 
_entity.pdbx_description           Cupiennin-1a 
_entity.formula_weight             3805.598 
_entity.pdbx_number_of_molecules   1 
_entity.pdbx_ec                    ? 
_entity.pdbx_mutation              ? 
_entity.pdbx_fragment              ? 
_entity.details                    ? 
# 
_entity_poly.entity_id                      1 
_entity_poly.type                           'polypeptide(L)' 
_entity_poly.nstd_linkage                   no 
_entity_poly.nstd_monomer                   yes 
_entity_poly.pdbx_seq_one_letter_code       'GFGALFKFLAKKVAKTVAKQAAKQGAKYVVNKQME(NH2)' 
_entity_poly.pdbx_seq_one_letter_code_can   GFGALFKFLAKKVAKTVAKQAAKQGAKYVVNKQMEX 
_entity_poly.pdbx_strand_id                 A 
_entity_poly.pdbx_target_identifier         ? 
# 
loop_
_entity_poly_seq.entity_id 
_entity_poly_seq.num 
_entity_poly_seq.mon_id 
_entity_poly_seq.hetero 
1 1  GLY n 
1 2  PHE n 
1 3  GLY n 
1 4  ALA n 
1 5  LEU n 
1 6  PHE n 
1 7  LYS n 
1 8  PHE n 
1 9  LEU n 
1 10 ALA n 
1 11 LYS n 
1 12 LYS n 
1 13 VAL n 
1 14 ALA n 
1 15 LYS n 
1 16 THR n 
1 17 VAL n 
1 18 ALA n 
1 19 LYS n 
1 20 GLN n 
1 21 ALA n 
1 22 ALA n 
1 23 LYS n 
1 24 GLN n 
1 25 GLY n 
1 26 ALA n 
1 27 LYS n 
1 28 TYR n 
1 29 VAL n 
1 30 VAL n 
1 31 ASN n 
1 32 LYS n 
1 33 GLN n 
1 34 MET n 
1 35 GLU n 
1 36 NH2 n 
# 
_entity_src_nat.entity_id                  1 
_entity_src_nat.pdbx_src_id                1 
_entity_src_nat.pdbx_alt_source_flag       sample 
_entity_src_nat.pdbx_beg_seq_num           ? 
_entity_src_nat.pdbx_end_seq_num           ? 
_entity_src_nat.common_name                'Wandering spider' 
_entity_src_nat.pdbx_organism_scientific   'Cupiennius salei' 
_entity_src_nat.pdbx_ncbi_taxonomy_id      ? 
_entity_src_nat.genus                      ? 
_entity_src_nat.species                    ? 
_entity_src_nat.strain                     ? 
_entity_src_nat.tissue                     ? 
_entity_src_nat.tissue_fraction            ? 
_entity_src_nat.pdbx_secretion             ? 
_entity_src_nat.pdbx_fragment              ? 
_entity_src_nat.pdbx_variant               ? 
_entity_src_nat.pdbx_cell_line             ? 
_entity_src_nat.pdbx_atcc                  ? 
_entity_src_nat.pdbx_cellular_location     ? 
_entity_src_nat.pdbx_organ                 ? 
_entity_src_nat.pdbx_organelle             ? 
_entity_src_nat.pdbx_cell                  ? 
_entity_src_nat.pdbx_plasmid_name          ? 
_entity_src_nat.pdbx_plasmid_details       ? 
_entity_src_nat.details                    ? 
# 
loop_
_chem_comp.id 
_chem_comp.type 
_chem_comp.mon_nstd_flag 
_chem_comp.name 
_chem_comp.pdbx_synonyms 
_chem_comp.formula 
_chem_comp.formula_weight 
ALA 'L-peptide linking' y ALANINE         ? 'C3 H7 N O2'     89.093  
ASN 'L-peptide linking' y ASPARAGINE      ? 'C4 H8 N2 O3'    132.118 
GLN 'L-peptide linking' y GLUTAMINE       ? 'C5 H10 N2 O3'   146.144 
GLU 'L-peptide linking' y 'GLUTAMIC ACID' ? 'C5 H9 N O4'     147.129 
GLY 'peptide linking'   y GLYCINE         ? 'C2 H5 N O2'     75.067  
LEU 'L-peptide linking' y LEUCINE         ? 'C6 H13 N O2'    131.173 
LYS 'L-peptide linking' y LYSINE          ? 'C6 H15 N2 O2 1' 147.195 
MET 'L-peptide linking' y METHIONINE      ? 'C5 H11 N O2 S'  149.211 
NH2 non-polymer         . 'AMINO GROUP'   ? 'H2 N'           16.023  
PHE 'L-peptide linking' y PHENYLALANINE   ? 'C9 H11 N O2'    165.189 
THR 'L-peptide linking' y THREONINE       ? 'C4 H9 N O3'     119.119 
TYR 'L-peptide linking' y TYROSINE        ? 'C9 H11 N O3'    181.189 
VAL 'L-peptide linking' y VALINE          ? 'C5 H11 N O2'    117.146 
# 
loop_
_pdbx_poly_seq_scheme.asym_id 
_pdbx_poly_seq_scheme.entity_id 
_pdbx_poly_seq_scheme.seq_id 
_pdbx_poly_seq_scheme.mon_id 
_pdbx_poly_seq_scheme.ndb_seq_num 
_pdbx_poly_seq_scheme.pdb_seq_num 
_pdbx_poly_seq_scheme.auth_seq_num 
_pdbx_poly_seq_scheme.pdb_mon_id 
_pdbx_poly_seq_scheme.auth_mon_id 
_pdbx_poly_seq_scheme.pdb_strand_id 
_pdbx_poly_seq_scheme.pdb_ins_code 
_pdbx_poly_seq_scheme.hetero 
A 1 1  GLY 1  1  1  GLY GLY A . n 
A 1 2  PHE 2  2  2  PHE PHE A . n 
A 1 3  GLY 3  3  3  GLY GLY A . n 
A 1 4  ALA 4  4  4  ALA ALA A . n 
A 1 5  LEU 5  5  5  LEU LEU A . n 
A 1 6  PHE 6  6  6  PHE PHE A . n 
A 1 7  LYS 7  7  7  LYS LYS A . n 
A 1 8  PHE 8  8  8  PHE PHE A . n 
A 1 9  LEU 9  9  9  LEU LEU A . n 
A 1 10 ALA 10 10 10 ALA ALA A . n 
A 1 11 LYS 11 11 11 LYS LYS A . n 
A 1 12 LYS 12 12 12 LYS LYS A . n 
A 1 13 VAL 13 13 13 VAL VAL A . n 
A 1 14 ALA 14 14 14 ALA ALA A . n 
A 1 15 LYS 15 15 15 LYS LYS A . n 
A 1 16 THR 16 16 16 THR THR A . n 
A 1 17 VAL 17 17 17 VAL VAL A . n 
A 1 18 ALA 18 18 18 ALA ALA A . n 
A 1 19 LYS 19 19 19 LYS LYS A . n 
A 1 20 GLN 20 20 20 GLN GLN A . n 
A 1 21 ALA 21 21 21 ALA ALA A . n 
A 1 22 ALA 22 22 22 ALA ALA A . n 
A 1 23 LYS 23 23 23 LYS LYS A . n 
A 1 24 GLN 24 24 24 GLN GLN A . n 
A 1 25 GLY 25 25 25 GLY GLY A . n 
A 1 26 ALA 26 26 26 ALA ALA A . n 
A 1 27 LYS 27 27 27 LYS LYS A . n 
A 1 28 TYR 28 28 28 TYR TYR A . n 
A 1 29 VAL 29 29 29 VAL VAL A . n 
A 1 30 VAL 30 30 30 VAL VAL A . n 
A 1 31 ASN 31 31 31 ASN ASN A . n 
A 1 32 LYS 32 32 32 LYS LYS A . n 
A 1 33 GLN 33 33 33 GLN GLN A . n 
A 1 34 MET 34 34 34 MET MET A . n 
A 1 35 GLU 35 35 35 GLU GLU A . n 
A 1 36 NH2 36 36 35 NH2 NH2 A . n 
# 
_exptl.absorpt_coefficient_mu     ? 
_exptl.absorpt_correction_T_max   ? 
_exptl.absorpt_correction_T_min   ? 
_exptl.absorpt_correction_type    ? 
_exptl.absorpt_process_details    ? 
_exptl.crystals_number            ? 
_exptl.details                    ? 
_exptl.entry_id                   2K38 
_exptl.method                     'SOLUTION NMR' 
_exptl.method_details             ? 
# 
_struct.entry_id                  2K38 
_struct.title                     'Cupiennin 1A, NMR, minimized average structure' 
_struct.pdbx_model_details        ? 
_struct.pdbx_CASP_flag            ? 
_struct.pdbx_model_type_details   ? 
# 
_struct_keywords.entry_id        2K38 
_struct_keywords.pdbx_keywords   'ANTIMICROBIAL PROTEIN' 
_struct_keywords.text            
;ANTIBACTERIAL, MEMBRANE ACTIVE, Amidation, Antibiotic, Antimicrobial, Cytolysis, Hemolysis, Neurotoxin, Secreted, helix-hinge-helix, ANTIMICROBIAL PROTEIN
;
# 
_struct_asym.id                            A 
_struct_asym.pdbx_blank_PDB_chainid_flag   N 
_struct_asym.pdbx_modified                 N 
_struct_asym.entity_id                     1 
_struct_asym.details                       ? 
# 
_struct_ref.id                         1 
_struct_ref.db_name                    UNP 
_struct_ref.db_code                    TXC1A_CUPSA 
_struct_ref.pdbx_db_accession          P83619 
_struct_ref.entity_id                  1 
_struct_ref.pdbx_seq_one_letter_code   GFGALFKFLAKKVAKTVAKQAAKQGAKYVVNKQME 
_struct_ref.pdbx_align_begin           1 
_struct_ref.pdbx_db_isoform            ? 
# 
_struct_ref_seq.align_id                      1 
_struct_ref_seq.ref_id                        1 
_struct_ref_seq.pdbx_PDB_id_code              2K38 
_struct_ref_seq.pdbx_strand_id                A 
_struct_ref_seq.seq_align_beg                 1 
_struct_ref_seq.pdbx_seq_align_beg_ins_code   ? 
_struct_ref_seq.seq_align_end                 35 
_struct_ref_seq.pdbx_seq_align_end_ins_code   ? 
_struct_ref_seq.pdbx_db_accession             P83619 
_struct_ref_seq.db_align_beg                  1 
_struct_ref_seq.pdbx_db_align_beg_ins_code    ? 
_struct_ref_seq.db_align_end                  35 
_struct_ref_seq.pdbx_db_align_end_ins_code    ? 
_struct_ref_seq.pdbx_auth_seq_align_beg       1 
_struct_ref_seq.pdbx_auth_seq_align_end       35 
# 
_pdbx_struct_assembly.id                   1 
_pdbx_struct_assembly.details              author_defined_assembly 
_pdbx_struct_assembly.method_details       ? 
_pdbx_struct_assembly.oligomeric_details   monomeric 
_pdbx_struct_assembly.oligomeric_count     1 
# 
_pdbx_struct_assembly_gen.assembly_id       1 
_pdbx_struct_assembly_gen.oper_expression   1 
_pdbx_struct_assembly_gen.asym_id_list      A 
# 
_pdbx_struct_oper_list.id                   1 
_pdbx_struct_oper_list.type                 'identity operation' 
_pdbx_struct_oper_list.name                 1_555 
_pdbx_struct_oper_list.symmetry_operation   x,y,z 
_pdbx_struct_oper_list.matrix[1][1]         1.0000000000 
_pdbx_struct_oper_list.matrix[1][2]         0.0000000000 
_pdbx_struct_oper_list.matrix[1][3]         0.0000000000 
_pdbx_struct_oper_list.vector[1]            0.0000000000 
_pdbx_struct_oper_list.matrix[2][1]         0.0000000000 
_pdbx_struct_oper_list.matrix[2][2]         1.0000000000 
_pdbx_struct_oper_list.matrix[2][3]         0.0000000000 
_pdbx_struct_oper_list.vector[2]            0.0000000000 
_pdbx_struct_oper_list.matrix[3][1]         0.0000000000 
_pdbx_struct_oper_list.matrix[3][2]         0.0000000000 
_pdbx_struct_oper_list.matrix[3][3]         1.0000000000 
_pdbx_struct_oper_list.vector[3]            0.0000000000 
# 
_struct_biol.id        1 
_struct_biol.details   ? 
# 
loop_
_struct_conf.conf_type_id 
_struct_conf.id 
_struct_conf.pdbx_PDB_helix_id 
_struct_conf.beg_label_comp_id 
_struct_conf.beg_label_asym_id 
_struct_conf.beg_label_seq_id 
_struct_conf.pdbx_beg_PDB_ins_code 
_struct_conf.end_label_comp_id 
_struct_conf.end_label_asym_id 
_struct_conf.end_label_seq_id 
_struct_conf.pdbx_end_PDB_ins_code 
_struct_conf.beg_auth_comp_id 
_struct_conf.beg_auth_asym_id 
_struct_conf.beg_auth_seq_id 
_struct_conf.end_auth_comp_id 
_struct_conf.end_auth_asym_id 
_struct_conf.end_auth_seq_id 
_struct_conf.pdbx_PDB_helix_class 
_struct_conf.details 
_struct_conf.pdbx_PDB_helix_length 
HELX_P HELX_P1 1 ALA A 4  ? LEU A 9  ? ALA A 4  LEU A 9  1 ? 6 
HELX_P HELX_P2 2 LYS A 12 ? VAL A 17 ? LYS A 12 VAL A 17 1 ? 6 
# 
_struct_conf_type.id          HELX_P 
_struct_conf_type.criteria    ? 
_struct_conf_type.reference   ? 
# 
_struct_conn.id                            covale1 
_struct_conn.conn_type_id                  covale 
_struct_conn.pdbx_leaving_atom_flag        both 
_struct_conn.pdbx_PDB_id                   ? 
_struct_conn.ptnr1_label_asym_id           A 
_struct_conn.ptnr1_label_comp_id           GLU 
_struct_conn.ptnr1_label_seq_id            35 
_struct_conn.ptnr1_label_atom_id           C 
_struct_conn.pdbx_ptnr1_label_alt_id       ? 
_struct_conn.pdbx_ptnr1_PDB_ins_code       ? 
_struct_conn.pdbx_ptnr1_standard_comp_id   ? 
_struct_conn.ptnr1_symmetry                1_555 
_struct_conn.ptnr2_label_asym_id           A 
_struct_conn.ptnr2_label_comp_id           NH2 
_struct_conn.ptnr2_label_seq_id            36 
_struct_conn.ptnr2_label_atom_id           N 
_struct_conn.pdbx_ptnr2_label_alt_id       ? 
_struct_conn.pdbx_ptnr2_PDB_ins_code       ? 
_struct_conn.ptnr1_auth_asym_id            A 
_struct_conn.ptnr1_auth_comp_id            GLU 
_struct_conn.ptnr1_auth_seq_id             35 
_struct_conn.ptnr2_auth_asym_id            A 
_struct_conn.ptnr2_auth_comp_id            NH2 
_struct_conn.ptnr2_auth_seq_id             36 
_struct_conn.ptnr2_symmetry                1_555 
_struct_conn.pdbx_ptnr3_label_atom_id      ? 
_struct_conn.pdbx_ptnr3_label_seq_id       ? 
_struct_conn.pdbx_ptnr3_label_comp_id      ? 
_struct_conn.pdbx_ptnr3_label_asym_id      ? 
_struct_conn.pdbx_ptnr3_label_alt_id       ? 
_struct_conn.pdbx_ptnr3_PDB_ins_code       ? 
_struct_conn.details                       ? 
_struct_conn.pdbx_dist_value               1.329 
_struct_conn.pdbx_value_order              ? 
_struct_conn.pdbx_role                     ? 
# 
_struct_conn_type.id          covale 
_struct_conn_type.criteria    ? 
_struct_conn_type.reference   ? 
# 
_pdbx_modification_feature.ordinal                            1 
_pdbx_modification_feature.label_comp_id                      NH2 
_pdbx_modification_feature.label_asym_id                      A 
_pdbx_modification_feature.label_seq_id                       36 
_pdbx_modification_feature.label_alt_id                       ? 
_pdbx_modification_feature.modified_residue_label_comp_id     GLU 
_pdbx_modification_feature.modified_residue_label_asym_id     A 
_pdbx_modification_feature.modified_residue_label_seq_id      35 
_pdbx_modification_feature.modified_residue_label_alt_id      ? 
_pdbx_modification_feature.auth_comp_id                       NH2 
_pdbx_modification_feature.auth_asym_id                       A 
_pdbx_modification_feature.auth_seq_id                        36 
_pdbx_modification_feature.PDB_ins_code                       ? 
_pdbx_modification_feature.symmetry                           1_555 
_pdbx_modification_feature.modified_residue_auth_comp_id      GLU 
_pdbx_modification_feature.modified_residue_auth_asym_id      A 
_pdbx_modification_feature.modified_residue_auth_seq_id       35 
_pdbx_modification_feature.modified_residue_PDB_ins_code      ? 
_pdbx_modification_feature.modified_residue_symmetry          1_555 
_pdbx_modification_feature.comp_id_linking_atom               . 
_pdbx_modification_feature.modified_residue_id_linking_atom   . 
_pdbx_modification_feature.modified_residue_id                GLU 
_pdbx_modification_feature.ref_pcm_id                         10 
_pdbx_modification_feature.ref_comp_id                        NH2 
_pdbx_modification_feature.type                               None 
_pdbx_modification_feature.category                           'Terminal amidation' 
# 
_struct_site.id                   AC1 
_struct_site.pdbx_evidence_code   Software 
_struct_site.pdbx_auth_asym_id    A 
_struct_site.pdbx_auth_comp_id    NH2 
_struct_site.pdbx_auth_seq_id     36 
_struct_site.pdbx_auth_ins_code   ? 
_struct_site.pdbx_num_residues    4 
_struct_site.details              'BINDING SITE FOR RESIDUE NH2 A 36' 
# 
loop_
_struct_site_gen.id 
_struct_site_gen.site_id 
_struct_site_gen.pdbx_num_res 
_struct_site_gen.label_comp_id 
_struct_site_gen.label_asym_id 
_struct_site_gen.label_seq_id 
_struct_site_gen.pdbx_auth_ins_code 
_struct_site_gen.auth_comp_id 
_struct_site_gen.auth_asym_id 
_struct_site_gen.auth_seq_id 
_struct_site_gen.label_atom_id 
_struct_site_gen.label_alt_id 
_struct_site_gen.symmetry 
_struct_site_gen.details 
1 AC1 4 LYS A 32 ? LYS A 32 . ? 1_555 ? 
2 AC1 4 GLN A 33 ? GLN A 33 . ? 1_555 ? 
3 AC1 4 MET A 34 ? MET A 34 . ? 1_555 ? 
4 AC1 4 GLU A 35 ? GLU A 35 . ? 1_555 ? 
# 
_pdbx_entry_details.entry_id                   2K38 
_pdbx_entry_details.compound_details           ? 
_pdbx_entry_details.source_details             ? 
_pdbx_entry_details.nonpolymer_details         ? 
_pdbx_entry_details.sequence_details           ? 
_pdbx_entry_details.has_ligand_of_interest     ? 
_pdbx_entry_details.has_protein_modification   Y 
# 
loop_
_pdbx_validate_torsion.id 
_pdbx_validate_torsion.PDB_model_num 
_pdbx_validate_torsion.auth_comp_id 
_pdbx_validate_torsion.auth_asym_id 
_pdbx_validate_torsion.auth_seq_id 
_pdbx_validate_torsion.PDB_ins_code 
_pdbx_validate_torsion.label_alt_id 
_pdbx_validate_torsion.phi 
_pdbx_validate_torsion.psi 
1 1 ALA A 14 ? ? -104.41 45.15  
2 1 LYS A 15 ? ? -131.91 -47.41 
3 1 GLN A 20 ? ? -103.29 58.39  
4 1 LYS A 27 ? ? -136.72 -33.95 
# 
_pdbx_nmr_ensemble.average_constraint_violations_per_residue     ? 
_pdbx_nmr_ensemble.average_constraints_per_residue               ? 
_pdbx_nmr_ensemble.average_distance_constraint_violation         ? 
_pdbx_nmr_ensemble.average_torsion_angle_constraint_violation    ? 
_pdbx_nmr_ensemble.conformer_selection_criteria                  'structures with the lowest energy' 
_pdbx_nmr_ensemble.conformers_calculated_total_number            20 
_pdbx_nmr_ensemble.conformers_submitted_total_number             1 
_pdbx_nmr_ensemble.distance_constraint_violation_method          ? 
_pdbx_nmr_ensemble.entry_id                                      2K38 
_pdbx_nmr_ensemble.maximum_distance_constraint_violation         ? 
_pdbx_nmr_ensemble.maximum_lower_distance_constraint_violation   ? 
_pdbx_nmr_ensemble.maximum_torsion_angle_constraint_violation    ? 
_pdbx_nmr_ensemble.maximum_upper_distance_constraint_violation   ? 
_pdbx_nmr_ensemble.torsion_angle_constraint_violation_method     ? 
# 
_pdbx_nmr_representative.conformer_id         1 
_pdbx_nmr_representative.entry_id             2K38 
_pdbx_nmr_representative.selection_criteria   'lowest energy' 
# 
_pdbx_nmr_sample_details.contents         '2 mM CUPIENNIN 1A, trifluoroethanol/water' 
_pdbx_nmr_sample_details.solution_id      1 
_pdbx_nmr_sample_details.solvent_system   trifluoroethanol/water 
# 
_pdbx_nmr_exptl_sample.component             'CUPIENNIN 1A' 
_pdbx_nmr_exptl_sample.concentration         2 
_pdbx_nmr_exptl_sample.concentration_units   mM 
_pdbx_nmr_exptl_sample.isotopic_labeling     ? 
_pdbx_nmr_exptl_sample.solution_id           1 
# 
_pdbx_nmr_exptl_sample_conditions.conditions_id       1 
_pdbx_nmr_exptl_sample_conditions.ionic_strength      0 
_pdbx_nmr_exptl_sample_conditions.pH                  2.6 
_pdbx_nmr_exptl_sample_conditions.pressure            1 
_pdbx_nmr_exptl_sample_conditions.pressure_units      atm 
_pdbx_nmr_exptl_sample_conditions.temperature         298 
_pdbx_nmr_exptl_sample_conditions.temperature_units   K 
# 
loop_
_pdbx_nmr_exptl.conditions_id 
_pdbx_nmr_exptl.experiment_id 
_pdbx_nmr_exptl.solution_id 
_pdbx_nmr_exptl.type 
1 1 1 '2D 1H-1H NOESY' 
1 2 1 '2D 1H-1H TOCSY' 
1 3 1 '2D DQF-COSY'    
1 4 1 '2D 1H-13C HSQC' 
# 
_pdbx_nmr_refine.entry_id           2K38 
_pdbx_nmr_refine.method             'simulated annealing' 
_pdbx_nmr_refine.details            ? 
_pdbx_nmr_refine.software_ordinal   1 
# 
loop_
_pdbx_nmr_software.authors 
_pdbx_nmr_software.classification 
_pdbx_nmr_software.name 
_pdbx_nmr_software.version 
_pdbx_nmr_software.ordinal 
'Brunger, Adams, Clore, Gros, Nilges and Read' refinement                  CNS    ? 1 
;Linge, O'Donoghue and Nilges
;
'structure solution'        ARIA   ? 2 
Goddard                                        'chemical shift assignment' Sparky ? 3 
# 
loop_
_chem_comp_atom.comp_id 
_chem_comp_atom.atom_id 
_chem_comp_atom.type_symbol 
_chem_comp_atom.pdbx_aromatic_flag 
_chem_comp_atom.pdbx_stereo_config 
_chem_comp_atom.pdbx_ordinal 
ALA N    N N N 1   
ALA CA   C N S 2   
ALA C    C N N 3   
ALA O    O N N 4   
ALA CB   C N N 5   
ALA OXT  O N N 6   
ALA H    H N N 7   
ALA H2   H N N 8   
ALA HA   H N N 9   
ALA HB1  H N N 10  
ALA HB2  H N N 11  
ALA HB3  H N N 12  
ALA HXT  H N N 13  
ASN N    N N N 14  
ASN CA   C N S 15  
ASN C    C N N 16  
ASN O    O N N 17  
ASN CB   C N N 18  
ASN CG   C N N 19  
ASN OD1  O N N 20  
ASN ND2  N N N 21  
ASN OXT  O N N 22  
ASN H    H N N 23  
ASN H2   H N N 24  
ASN HA   H N N 25  
ASN HB2  H N N 26  
ASN HB3  H N N 27  
ASN HD21 H N N 28  
ASN HD22 H N N 29  
ASN HXT  H N N 30  
GLN N    N N N 31  
GLN CA   C N S 32  
GLN C    C N N 33  
GLN O    O N N 34  
GLN CB   C N N 35  
GLN CG   C N N 36  
GLN CD   C N N 37  
GLN OE1  O N N 38  
GLN NE2  N N N 39  
GLN OXT  O N N 40  
GLN H    H N N 41  
GLN H2   H N N 42  
GLN HA   H N N 43  
GLN HB2  H N N 44  
GLN HB3  H N N 45  
GLN HG2  H N N 46  
GLN HG3  H N N 47  
GLN HE21 H N N 48  
GLN HE22 H N N 49  
GLN HXT  H N N 50  
GLU N    N N N 51  
GLU CA   C N S 52  
GLU C    C N N 53  
GLU O    O N N 54  
GLU CB   C N N 55  
GLU CG   C N N 56  
GLU CD   C N N 57  
GLU OE1  O N N 58  
GLU OE2  O N N 59  
GLU OXT  O N N 60  
GLU H    H N N 61  
GLU H2   H N N 62  
GLU HA   H N N 63  
GLU HB2  H N N 64  
GLU HB3  H N N 65  
GLU HG2  H N N 66  
GLU HG3  H N N 67  
GLU HE2  H N N 68  
GLU HXT  H N N 69  
GLY N    N N N 70  
GLY CA   C N N 71  
GLY C    C N N 72  
GLY O    O N N 73  
GLY OXT  O N N 74  
GLY H    H N N 75  
GLY H2   H N N 76  
GLY HA2  H N N 77  
GLY HA3  H N N 78  
GLY HXT  H N N 79  
LEU N    N N N 80  
LEU CA   C N S 81  
LEU C    C N N 82  
LEU O    O N N 83  
LEU CB   C N N 84  
LEU CG   C N N 85  
LEU CD1  C N N 86  
LEU CD2  C N N 87  
LEU OXT  O N N 88  
LEU H    H N N 89  
LEU H2   H N N 90  
LEU HA   H N N 91  
LEU HB2  H N N 92  
LEU HB3  H N N 93  
LEU HG   H N N 94  
LEU HD11 H N N 95  
LEU HD12 H N N 96  
LEU HD13 H N N 97  
LEU HD21 H N N 98  
LEU HD22 H N N 99  
LEU HD23 H N N 100 
LEU HXT  H N N 101 
LYS N    N N N 102 
LYS CA   C N S 103 
LYS C    C N N 104 
LYS O    O N N 105 
LYS CB   C N N 106 
LYS CG   C N N 107 
LYS CD   C N N 108 
LYS CE   C N N 109 
LYS NZ   N N N 110 
LYS OXT  O N N 111 
LYS H    H N N 112 
LYS H2   H N N 113 
LYS HA   H N N 114 
LYS HB2  H N N 115 
LYS HB3  H N N 116 
LYS HG2  H N N 117 
LYS HG3  H N N 118 
LYS HD2  H N N 119 
LYS HD3  H N N 120 
LYS HE2  H N N 121 
LYS HE3  H N N 122 
LYS HZ1  H N N 123 
LYS HZ2  H N N 124 
LYS HZ3  H N N 125 
LYS HXT  H N N 126 
MET N    N N N 127 
MET CA   C N S 128 
MET C    C N N 129 
MET O    O N N 130 
MET CB   C N N 131 
MET CG   C N N 132 
MET SD   S N N 133 
MET CE   C N N 134 
MET OXT  O N N 135 
MET H    H N N 136 
MET H2   H N N 137 
MET HA   H N N 138 
MET HB2  H N N 139 
MET HB3  H N N 140 
MET HG2  H N N 141 
MET HG3  H N N 142 
MET HE1  H N N 143 
MET HE2  H N N 144 
MET HE3  H N N 145 
MET HXT  H N N 146 
NH2 N    N N N 147 
NH2 HN1  H N N 148 
NH2 HN2  H N N 149 
PHE N    N N N 150 
PHE CA   C N S 151 
PHE C    C N N 152 
PHE O    O N N 153 
PHE CB   C N N 154 
PHE CG   C Y N 155 
PHE CD1  C Y N 156 
PHE CD2  C Y N 157 
PHE CE1  C Y N 158 
PHE CE2  C Y N 159 
PHE CZ   C Y N 160 
PHE OXT  O N N 161 
PHE H    H N N 162 
PHE H2   H N N 163 
PHE HA   H N N 164 
PHE HB2  H N N 165 
PHE HB3  H N N 166 
PHE HD1  H N N 167 
PHE HD2  H N N 168 
PHE HE1  H N N 169 
PHE HE2  H N N 170 
PHE HZ   H N N 171 
PHE HXT  H N N 172 
THR N    N N N 173 
THR CA   C N S 174 
THR C    C N N 175 
THR O    O N N 176 
THR CB   C N R 177 
THR OG1  O N N 178 
THR CG2  C N N 179 
THR OXT  O N N 180 
THR H    H N N 181 
THR H2   H N N 182 
THR HA   H N N 183 
THR HB   H N N 184 
THR HG1  H N N 185 
THR HG21 H N N 186 
THR HG22 H N N 187 
THR HG23 H N N 188 
THR HXT  H N N 189 
TYR N    N N N 190 
TYR CA   C N S 191 
TYR C    C N N 192 
TYR O    O N N 193 
TYR CB   C N N 194 
TYR CG   C Y N 195 
TYR CD1  C Y N 196 
TYR CD2  C Y N 197 
TYR CE1  C Y N 198 
TYR CE2  C Y N 199 
TYR CZ   C Y N 200 
TYR OH   O N N 201 
TYR OXT  O N N 202 
TYR H    H N N 203 
TYR H2   H N N 204 
TYR HA   H N N 205 
TYR HB2  H N N 206 
TYR HB3  H N N 207 
TYR HD1  H N N 208 
TYR HD2  H N N 209 
TYR HE1  H N N 210 
TYR HE2  H N N 211 
TYR HH   H N N 212 
TYR HXT  H N N 213 
VAL N    N N N 214 
VAL CA   C N S 215 
VAL C    C N N 216 
VAL O    O N N 217 
VAL CB   C N N 218 
VAL CG1  C N N 219 
VAL CG2  C N N 220 
VAL OXT  O N N 221 
VAL H    H N N 222 
VAL H2   H N N 223 
VAL HA   H N N 224 
VAL HB   H N N 225 
VAL HG11 H N N 226 
VAL HG12 H N N 227 
VAL HG13 H N N 228 
VAL HG21 H N N 229 
VAL HG22 H N N 230 
VAL HG23 H N N 231 
VAL HXT  H N N 232 
# 
loop_
_chem_comp_bond.comp_id 
_chem_comp_bond.atom_id_1 
_chem_comp_bond.atom_id_2 
_chem_comp_bond.value_order 
_chem_comp_bond.pdbx_aromatic_flag 
_chem_comp_bond.pdbx_stereo_config 
_chem_comp_bond.pdbx_ordinal 
ALA N   CA   sing N N 1   
ALA N   H    sing N N 2   
ALA N   H2   sing N N 3   
ALA CA  C    sing N N 4   
ALA CA  CB   sing N N 5   
ALA CA  HA   sing N N 6   
ALA C   O    doub N N 7   
ALA C   OXT  sing N N 8   
ALA CB  HB1  sing N N 9   
ALA CB  HB2  sing N N 10  
ALA CB  HB3  sing N N 11  
ALA OXT HXT  sing N N 12  
ASN N   CA   sing N N 13  
ASN N   H    sing N N 14  
ASN N   H2   sing N N 15  
ASN CA  C    sing N N 16  
ASN CA  CB   sing N N 17  
ASN CA  HA   sing N N 18  
ASN C   O    doub N N 19  
ASN C   OXT  sing N N 20  
ASN CB  CG   sing N N 21  
ASN CB  HB2  sing N N 22  
ASN CB  HB3  sing N N 23  
ASN CG  OD1  doub N N 24  
ASN CG  ND2  sing N N 25  
ASN ND2 HD21 sing N N 26  
ASN ND2 HD22 sing N N 27  
ASN OXT HXT  sing N N 28  
GLN N   CA   sing N N 29  
GLN N   H    sing N N 30  
GLN N   H2   sing N N 31  
GLN CA  C    sing N N 32  
GLN CA  CB   sing N N 33  
GLN CA  HA   sing N N 34  
GLN C   O    doub N N 35  
GLN C   OXT  sing N N 36  
GLN CB  CG   sing N N 37  
GLN CB  HB2  sing N N 38  
GLN CB  HB3  sing N N 39  
GLN CG  CD   sing N N 40  
GLN CG  HG2  sing N N 41  
GLN CG  HG3  sing N N 42  
GLN CD  OE1  doub N N 43  
GLN CD  NE2  sing N N 44  
GLN NE2 HE21 sing N N 45  
GLN NE2 HE22 sing N N 46  
GLN OXT HXT  sing N N 47  
GLU N   CA   sing N N 48  
GLU N   H    sing N N 49  
GLU N   H2   sing N N 50  
GLU CA  C    sing N N 51  
GLU CA  CB   sing N N 52  
GLU CA  HA   sing N N 53  
GLU C   O    doub N N 54  
GLU C   OXT  sing N N 55  
GLU CB  CG   sing N N 56  
GLU CB  HB2  sing N N 57  
GLU CB  HB3  sing N N 58  
GLU CG  CD   sing N N 59  
GLU CG  HG2  sing N N 60  
GLU CG  HG3  sing N N 61  
GLU CD  OE1  doub N N 62  
GLU CD  OE2  sing N N 63  
GLU OE2 HE2  sing N N 64  
GLU OXT HXT  sing N N 65  
GLY N   CA   sing N N 66  
GLY N   H    sing N N 67  
GLY N   H2   sing N N 68  
GLY CA  C    sing N N 69  
GLY CA  HA2  sing N N 70  
GLY CA  HA3  sing N N 71  
GLY C   O    doub N N 72  
GLY C   OXT  sing N N 73  
GLY OXT HXT  sing N N 74  
LEU N   CA   sing N N 75  
LEU N   H    sing N N 76  
LEU N   H2   sing N N 77  
LEU CA  C    sing N N 78  
LEU CA  CB   sing N N 79  
LEU CA  HA   sing N N 80  
LEU C   O    doub N N 81  
LEU C   OXT  sing N N 82  
LEU CB  CG   sing N N 83  
LEU CB  HB2  sing N N 84  
LEU CB  HB3  sing N N 85  
LEU CG  CD1  sing N N 86  
LEU CG  CD2  sing N N 87  
LEU CG  HG   sing N N 88  
LEU CD1 HD11 sing N N 89  
LEU CD1 HD12 sing N N 90  
LEU CD1 HD13 sing N N 91  
LEU CD2 HD21 sing N N 92  
LEU CD2 HD22 sing N N 93  
LEU CD2 HD23 sing N N 94  
LEU OXT HXT  sing N N 95  
LYS N   CA   sing N N 96  
LYS N   H    sing N N 97  
LYS N   H2   sing N N 98  
LYS CA  C    sing N N 99  
LYS CA  CB   sing N N 100 
LYS CA  HA   sing N N 101 
LYS C   O    doub N N 102 
LYS C   OXT  sing N N 103 
LYS CB  CG   sing N N 104 
LYS CB  HB2  sing N N 105 
LYS CB  HB3  sing N N 106 
LYS CG  CD   sing N N 107 
LYS CG  HG2  sing N N 108 
LYS CG  HG3  sing N N 109 
LYS CD  CE   sing N N 110 
LYS CD  HD2  sing N N 111 
LYS CD  HD3  sing N N 112 
LYS CE  NZ   sing N N 113 
LYS CE  HE2  sing N N 114 
LYS CE  HE3  sing N N 115 
LYS NZ  HZ1  sing N N 116 
LYS NZ  HZ2  sing N N 117 
LYS NZ  HZ3  sing N N 118 
LYS OXT HXT  sing N N 119 
MET N   CA   sing N N 120 
MET N   H    sing N N 121 
MET N   H2   sing N N 122 
MET CA  C    sing N N 123 
MET CA  CB   sing N N 124 
MET CA  HA   sing N N 125 
MET C   O    doub N N 126 
MET C   OXT  sing N N 127 
MET CB  CG   sing N N 128 
MET CB  HB2  sing N N 129 
MET CB  HB3  sing N N 130 
MET CG  SD   sing N N 131 
MET CG  HG2  sing N N 132 
MET CG  HG3  sing N N 133 
MET SD  CE   sing N N 134 
MET CE  HE1  sing N N 135 
MET CE  HE2  sing N N 136 
MET CE  HE3  sing N N 137 
MET OXT HXT  sing N N 138 
NH2 N   HN1  sing N N 139 
NH2 N   HN2  sing N N 140 
PHE N   CA   sing N N 141 
PHE N   H    sing N N 142 
PHE N   H2   sing N N 143 
PHE CA  C    sing N N 144 
PHE CA  CB   sing N N 145 
PHE CA  HA   sing N N 146 
PHE C   O    doub N N 147 
PHE C   OXT  sing N N 148 
PHE CB  CG   sing N N 149 
PHE CB  HB2  sing N N 150 
PHE CB  HB3  sing N N 151 
PHE CG  CD1  doub Y N 152 
PHE CG  CD2  sing Y N 153 
PHE CD1 CE1  sing Y N 154 
PHE CD1 HD1  sing N N 155 
PHE CD2 CE2  doub Y N 156 
PHE CD2 HD2  sing N N 157 
PHE CE1 CZ   doub Y N 158 
PHE CE1 HE1  sing N N 159 
PHE CE2 CZ   sing Y N 160 
PHE CE2 HE2  sing N N 161 
PHE CZ  HZ   sing N N 162 
PHE OXT HXT  sing N N 163 
THR N   CA   sing N N 164 
THR N   H    sing N N 165 
THR N   H2   sing N N 166 
THR CA  C    sing N N 167 
THR CA  CB   sing N N 168 
THR CA  HA   sing N N 169 
THR C   O    doub N N 170 
THR C   OXT  sing N N 171 
THR CB  OG1  sing N N 172 
THR CB  CG2  sing N N 173 
THR CB  HB   sing N N 174 
THR OG1 HG1  sing N N 175 
THR CG2 HG21 sing N N 176 
THR CG2 HG22 sing N N 177 
THR CG2 HG23 sing N N 178 
THR OXT HXT  sing N N 179 
TYR N   CA   sing N N 180 
TYR N   H    sing N N 181 
TYR N   H2   sing N N 182 
TYR CA  C    sing N N 183 
TYR CA  CB   sing N N 184 
TYR CA  HA   sing N N 185 
TYR C   O    doub N N 186 
TYR C   OXT  sing N N 187 
TYR CB  CG   sing N N 188 
TYR CB  HB2  sing N N 189 
TYR CB  HB3  sing N N 190 
TYR CG  CD1  doub Y N 191 
TYR CG  CD2  sing Y N 192 
TYR CD1 CE1  sing Y N 193 
TYR CD1 HD1  sing N N 194 
TYR CD2 CE2  doub Y N 195 
TYR CD2 HD2  sing N N 196 
TYR CE1 CZ   doub Y N 197 
TYR CE1 HE1  sing N N 198 
TYR CE2 CZ   sing Y N 199 
TYR CE2 HE2  sing N N 200 
TYR CZ  OH   sing N N 201 
TYR OH  HH   sing N N 202 
TYR OXT HXT  sing N N 203 
VAL N   CA   sing N N 204 
VAL N   H    sing N N 205 
VAL N   H2   sing N N 206 
VAL CA  C    sing N N 207 
VAL CA  CB   sing N N 208 
VAL CA  HA   sing N N 209 
VAL C   O    doub N N 210 
VAL C   OXT  sing N N 211 
VAL CB  CG1  sing N N 212 
VAL CB  CG2  sing N N 213 
VAL CB  HB   sing N N 214 
VAL CG1 HG11 sing N N 215 
VAL CG1 HG12 sing N N 216 
VAL CG1 HG13 sing N N 217 
VAL CG2 HG21 sing N N 218 
VAL CG2 HG22 sing N N 219 
VAL CG2 HG23 sing N N 220 
VAL OXT HXT  sing N N 221 
# 
_pdbx_nmr_spectrometer.field_strength    600 
_pdbx_nmr_spectrometer.manufacturer      Varian 
_pdbx_nmr_spectrometer.model             INOVA 
_pdbx_nmr_spectrometer.spectrometer_id   1 
_pdbx_nmr_spectrometer.type              'Varian INOVA' 
# 
_atom_sites.entry_id                    2K38 
_atom_sites.fract_transf_matrix[1][1]   1.000000 
_atom_sites.fract_transf_matrix[1][2]   0.000000 
_atom_sites.fract_transf_matrix[1][3]   0.000000 
_atom_sites.fract_transf_matrix[2][1]   0.000000 
_atom_sites.fract_transf_matrix[2][2]   1.000000 
_atom_sites.fract_transf_matrix[2][3]   0.000000 
_atom_sites.fract_transf_matrix[3][1]   0.000000 
_atom_sites.fract_transf_matrix[3][2]   0.000000 
_atom_sites.fract_transf_matrix[3][3]   1.000000 
_atom_sites.fract_transf_vector[1]      0.00000 
_atom_sites.fract_transf_vector[2]      0.00000 
_atom_sites.fract_transf_vector[3]      0.00000 
# 
loop_
_atom_type.symbol 
C 
H 
N 
O 
S 
# 
loop_
_atom_site.group_PDB 
_atom_site.id 
_atom_site.type_symbol 
_atom_site.label_atom_id 
_atom_site.label_alt_id 
_atom_site.label_comp_id 
_atom_site.label_asym_id 
_atom_site.label_entity_id 
_atom_site.label_seq_id 
_atom_site.pdbx_PDB_ins_code 
_atom_site.Cartn_x 
_atom_site.Cartn_y 
_atom_site.Cartn_z 
_atom_site.occupancy 
_atom_site.B_iso_or_equiv 
_atom_site.pdbx_formal_charge 
_atom_site.auth_seq_id 
_atom_site.auth_comp_id 
_atom_site.auth_asym_id 
_atom_site.auth_atom_id 
_atom_site.pdbx_PDB_model_num 
ATOM   1   N N    . GLY A 1 1  ? 14.338  -20.244 -4.438  1.00 0.00 ? 1  GLY A N    1 
ATOM   2   C CA   . GLY A 1 1  ? 13.672  -21.521 -4.817  1.00 0.00 ? 1  GLY A CA   1 
ATOM   3   C C    . GLY A 1 1  ? 12.217  -21.325 -5.194  1.00 0.00 ? 1  GLY A C    1 
ATOM   4   O O    . GLY A 1 1  ? 11.717  -21.966 -6.119  1.00 0.00 ? 1  GLY A O    1 
ATOM   5   H H1   . GLY A 1 1  ? 13.627  -19.537 -4.163  1.00 0.00 ? 1  GLY A H1   1 
ATOM   6   H H2   . GLY A 1 1  ? 14.885  -19.874 -5.241  1.00 0.00 ? 1  GLY A H2   1 
ATOM   7   H H3   . GLY A 1 1  ? 14.984  -20.401 -3.638  1.00 0.00 ? 1  GLY A H3   1 
ATOM   8   H HA2  . GLY A 1 1  ? 14.195  -21.952 -5.658  1.00 0.00 ? 1  GLY A HA2  1 
ATOM   9   H HA3  . GLY A 1 1  ? 13.728  -22.204 -3.983  1.00 0.00 ? 1  GLY A HA3  1 
ATOM   10  N N    . PHE A 1 2  ? 11.535  -20.438 -4.476  1.00 0.00 ? 2  PHE A N    1 
ATOM   11  C CA   . PHE A 1 2  ? 10.127  -20.161 -4.738  1.00 0.00 ? 2  PHE A CA   1 
ATOM   12  C C    . PHE A 1 2  ? 9.969   -18.905 -5.591  1.00 0.00 ? 2  PHE A C    1 
ATOM   13  O O    . PHE A 1 2  ? 9.608   -17.840 -5.089  1.00 0.00 ? 2  PHE A O    1 
ATOM   14  C CB   . PHE A 1 2  ? 9.363   -20.002 -3.420  1.00 0.00 ? 2  PHE A CB   1 
ATOM   15  C CG   . PHE A 1 2  ? 8.297   -21.042 -3.218  1.00 0.00 ? 2  PHE A CG   1 
ATOM   16  C CD1  . PHE A 1 2  ? 8.626   -22.315 -2.784  1.00 0.00 ? 2  PHE A CD1  1 
ATOM   17  C CD2  . PHE A 1 2  ? 6.965   -20.744 -3.463  1.00 0.00 ? 2  PHE A CD2  1 
ATOM   18  C CE1  . PHE A 1 2  ? 7.648   -23.274 -2.597  1.00 0.00 ? 2  PHE A CE1  1 
ATOM   19  C CE2  . PHE A 1 2  ? 5.983   -21.698 -3.278  1.00 0.00 ? 2  PHE A CE2  1 
ATOM   20  C CZ   . PHE A 1 2  ? 6.324   -22.964 -2.845  1.00 0.00 ? 2  PHE A CZ   1 
ATOM   21  H H    . PHE A 1 2  ? 11.990  -19.958 -3.753  1.00 0.00 ? 2  PHE A H    1 
ATOM   22  H HA   . PHE A 1 2  ? 9.720   -21.000 -5.280  1.00 0.00 ? 2  PHE A HA   1 
ATOM   23  H HB2  . PHE A 1 2  ? 10.058  -20.076 -2.599  1.00 0.00 ? 2  PHE A HB2  1 
ATOM   24  H HB3  . PHE A 1 2  ? 8.890   -19.032 -3.400  1.00 0.00 ? 2  PHE A HB3  1 
ATOM   25  H HD1  . PHE A 1 2  ? 9.661   -22.558 -2.591  1.00 0.00 ? 2  PHE A HD1  1 
ATOM   26  H HD2  . PHE A 1 2  ? 6.698   -19.754 -3.802  1.00 0.00 ? 2  PHE A HD2  1 
ATOM   27  H HE1  . PHE A 1 2  ? 7.917   -24.262 -2.258  1.00 0.00 ? 2  PHE A HE1  1 
ATOM   28  H HE2  . PHE A 1 2  ? 4.949   -21.453 -3.472  1.00 0.00 ? 2  PHE A HE2  1 
ATOM   29  H HZ   . PHE A 1 2  ? 5.558   -23.711 -2.700  1.00 0.00 ? 2  PHE A HZ   1 
ATOM   30  N N    . GLY A 1 3  ? 10.248  -19.036 -6.884  1.00 0.00 ? 3  GLY A N    1 
ATOM   31  C CA   . GLY A 1 3  ? 10.128  -17.908 -7.789  1.00 0.00 ? 3  GLY A CA   1 
ATOM   32  C C    . GLY A 1 3  ? 8.747   -17.807 -8.407  1.00 0.00 ? 3  GLY A C    1 
ATOM   33  O O    . GLY A 1 3  ? 8.565   -17.151 -9.432  1.00 0.00 ? 3  GLY A O    1 
ATOM   34  H H    . GLY A 1 3  ? 10.537  -19.908 -7.227  1.00 0.00 ? 3  GLY A H    1 
ATOM   35  H HA2  . GLY A 1 3  ? 10.334  -16.999 -7.243  1.00 0.00 ? 3  GLY A HA2  1 
ATOM   36  H HA3  . GLY A 1 3  ? 10.857  -18.013 -8.578  1.00 0.00 ? 3  GLY A HA3  1 
ATOM   37  N N    . ALA A 1 4  ? 7.773   -18.459 -7.780  1.00 0.00 ? 4  ALA A N    1 
ATOM   38  C CA   . ALA A 1 4  ? 6.401   -18.446 -8.274  1.00 0.00 ? 4  ALA A CA   1 
ATOM   39  C C    . ALA A 1 4  ? 5.570   -17.376 -7.576  1.00 0.00 ? 4  ALA A C    1 
ATOM   40  O O    . ALA A 1 4  ? 4.436   -17.104 -7.970  1.00 0.00 ? 4  ALA A O    1 
ATOM   41  C CB   . ALA A 1 4  ? 5.759   -19.811 -8.085  1.00 0.00 ? 4  ALA A CB   1 
ATOM   42  H H    . ALA A 1 4  ? 7.982   -18.962 -6.965  1.00 0.00 ? 4  ALA A H    1 
ATOM   43  H HA   . ALA A 1 4  ? 6.429   -18.232 -9.332  1.00 0.00 ? 4  ALA A HA   1 
ATOM   44  H HB1  . ALA A 1 4  ? 6.524   -20.538 -7.853  1.00 0.00 ? 4  ALA A HB1  1 
ATOM   45  H HB2  . ALA A 1 4  ? 5.047   -19.765 -7.272  1.00 0.00 ? 4  ALA A HB2  1 
ATOM   46  H HB3  . ALA A 1 4  ? 5.251   -20.099 -8.994  1.00 0.00 ? 4  ALA A HB3  1 
ATOM   47  N N    . LEU A 1 5  ? 6.139   -16.771 -6.539  1.00 0.00 ? 5  LEU A N    1 
ATOM   48  C CA   . LEU A 1 5  ? 5.440   -15.735 -5.789  1.00 0.00 ? 5  LEU A CA   1 
ATOM   49  C C    . LEU A 1 5  ? 5.559   -14.382 -6.481  1.00 0.00 ? 5  LEU A C    1 
ATOM   50  O O    . LEU A 1 5  ? 4.856   -13.434 -6.132  1.00 0.00 ? 5  LEU A O    1 
ATOM   51  C CB   . LEU A 1 5  ? 5.978   -15.647 -4.360  1.00 0.00 ? 5  LEU A CB   1 
ATOM   52  C CG   . LEU A 1 5  ? 7.502   -15.667 -4.233  1.00 0.00 ? 5  LEU A CG   1 
ATOM   53  C CD1  . LEU A 1 5  ? 8.060   -14.253 -4.273  1.00 0.00 ? 5  LEU A CD1  1 
ATOM   54  C CD2  . LEU A 1 5  ? 7.918   -16.370 -2.949  1.00 0.00 ? 5  LEU A CD2  1 
ATOM   55  H H    . LEU A 1 5  ? 7.046   -17.027 -6.272  1.00 0.00 ? 5  LEU A H    1 
ATOM   56  H HA   . LEU A 1 5  ? 4.396   -16.009 -5.752  1.00 0.00 ? 5  LEU A HA   1 
ATOM   57  H HB2  . LEU A 1 5  ? 5.612   -14.733 -3.919  1.00 0.00 ? 5  LEU A HB2  1 
ATOM   58  H HB3  . LEU A 1 5  ? 5.582   -16.481 -3.801  1.00 0.00 ? 5  LEU A HB3  1 
ATOM   59  H HG   . LEU A 1 5  ? 7.920   -16.215 -5.065  1.00 0.00 ? 5  LEU A HG   1 
ATOM   60  H HD11 . LEU A 1 5  ? 8.075   -13.902 -5.294  1.00 0.00 ? 5  LEU A HD11 1 
ATOM   61  H HD12 . LEU A 1 5  ? 7.437   -13.603 -3.678  1.00 0.00 ? 5  LEU A HD12 1 
ATOM   62  H HD13 . LEU A 1 5  ? 9.065   -14.252 -3.877  1.00 0.00 ? 5  LEU A HD13 1 
ATOM   63  H HD21 . LEU A 1 5  ? 7.542   -17.383 -2.955  1.00 0.00 ? 5  LEU A HD21 1 
ATOM   64  H HD22 . LEU A 1 5  ? 8.996   -16.386 -2.880  1.00 0.00 ? 5  LEU A HD22 1 
ATOM   65  H HD23 . LEU A 1 5  ? 7.512   -15.840 -2.100  1.00 0.00 ? 5  LEU A HD23 1 
ATOM   66  N N    . PHE A 1 6  ? 6.453   -14.294 -7.460  1.00 0.00 ? 6  PHE A N    1 
ATOM   67  C CA   . PHE A 1 6  ? 6.649   -13.053 -8.198  1.00 0.00 ? 6  PHE A CA   1 
ATOM   68  C C    . PHE A 1 6  ? 5.506   -12.831 -9.181  1.00 0.00 ? 6  PHE A C    1 
ATOM   69  O O    . PHE A 1 6  ? 5.369   -11.753 -9.760  1.00 0.00 ? 6  PHE A O    1 
ATOM   70  C CB   . PHE A 1 6  ? 7.987   -13.077 -8.940  1.00 0.00 ? 6  PHE A CB   1 
ATOM   71  C CG   . PHE A 1 6  ? 9.185   -13.006 -8.032  1.00 0.00 ? 6  PHE A CG   1 
ATOM   72  C CD1  . PHE A 1 6  ? 9.221   -12.109 -6.974  1.00 0.00 ? 6  PHE A CD1  1 
ATOM   73  C CD2  . PHE A 1 6  ? 10.275  -13.837 -8.237  1.00 0.00 ? 6  PHE A CD2  1 
ATOM   74  C CE1  . PHE A 1 6  ? 10.322  -12.043 -6.140  1.00 0.00 ? 6  PHE A CE1  1 
ATOM   75  C CE2  . PHE A 1 6  ? 11.377  -13.775 -7.406  1.00 0.00 ? 6  PHE A CE2  1 
ATOM   76  C CZ   . PHE A 1 6  ? 11.401  -12.878 -6.358  1.00 0.00 ? 6  PHE A CZ   1 
ATOM   77  H H    . PHE A 1 6  ? 6.992   -15.079 -7.690  1.00 0.00 ? 6  PHE A H    1 
ATOM   78  H HA   . PHE A 1 6  ? 6.657   -12.241 -7.485  1.00 0.00 ? 6  PHE A HA   1 
ATOM   79  H HB2  . PHE A 1 6  ? 8.058   -13.992 -9.510  1.00 0.00 ? 6  PHE A HB2  1 
ATOM   80  H HB3  . PHE A 1 6  ? 8.032   -12.235 -9.616  1.00 0.00 ? 6  PHE A HB3  1 
ATOM   81  H HD1  . PHE A 1 6  ? 8.376   -11.457 -6.801  1.00 0.00 ? 6  PHE A HD1  1 
ATOM   82  H HD2  . PHE A 1 6  ? 10.257  -14.539 -9.057  1.00 0.00 ? 6  PHE A HD2  1 
ATOM   83  H HE1  . PHE A 1 6  ? 10.339  -11.340 -5.320  1.00 0.00 ? 6  PHE A HE1  1 
ATOM   84  H HE2  . PHE A 1 6  ? 12.220  -14.429 -7.578  1.00 0.00 ? 6  PHE A HE2  1 
ATOM   85  H HZ   . PHE A 1 6  ? 12.262  -12.827 -5.708  1.00 0.00 ? 6  PHE A HZ   1 
ATOM   86  N N    . LYS A 1 7  ? 4.688   -13.862 -9.361  1.00 0.00 ? 7  LYS A N    1 
ATOM   87  C CA   . LYS A 1 7  ? 3.546   -13.792 -10.263 1.00 0.00 ? 7  LYS A CA   1 
ATOM   88  C C    . LYS A 1 7  ? 2.253   -14.066 -9.503  1.00 0.00 ? 7  LYS A C    1 
ATOM   89  O O    . LYS A 1 7  ? 1.157   -13.845 -10.019 1.00 0.00 ? 7  LYS A O    1 
ATOM   90  C CB   . LYS A 1 7  ? 3.705   -14.796 -11.406 1.00 0.00 ? 7  LYS A CB   1 
ATOM   91  C CG   . LYS A 1 7  ? 4.050   -16.201 -10.939 1.00 0.00 ? 7  LYS A CG   1 
ATOM   92  C CD   . LYS A 1 7  ? 4.243   -17.148 -12.113 1.00 0.00 ? 7  LYS A CD   1 
ATOM   93  C CE   . LYS A 1 7  ? 4.337   -18.594 -11.654 1.00 0.00 ? 7  LYS A CE   1 
ATOM   94  N NZ   . LYS A 1 7  ? 2.994   -19.225 -11.524 1.00 0.00 ? 7  LYS A NZ   1 
ATOM   95  H H    . LYS A 1 7  ? 4.858   -14.695 -8.872  1.00 0.00 ? 7  LYS A H    1 
ATOM   96  H HA   . LYS A 1 7  ? 3.506   -12.793 -10.672 1.00 0.00 ? 7  LYS A HA   1 
ATOM   97  H HB2  . LYS A 1 7  ? 2.780   -14.841 -11.962 1.00 0.00 ? 7  LYS A HB2  1 
ATOM   98  H HB3  . LYS A 1 7  ? 4.492   -14.454 -12.062 1.00 0.00 ? 7  LYS A HB3  1 
ATOM   99  H HG2  . LYS A 1 7  ? 4.964   -16.165 -10.365 1.00 0.00 ? 7  LYS A HG2  1 
ATOM   100 H HG3  . LYS A 1 7  ? 3.247   -16.570 -10.318 1.00 0.00 ? 7  LYS A HG3  1 
ATOM   101 H HD2  . LYS A 1 7  ? 3.405   -17.047 -12.785 1.00 0.00 ? 7  LYS A HD2  1 
ATOM   102 H HD3  . LYS A 1 7  ? 5.154   -16.883 -12.629 1.00 0.00 ? 7  LYS A HD3  1 
ATOM   103 H HE2  . LYS A 1 7  ? 4.918   -19.150 -12.375 1.00 0.00 ? 7  LYS A HE2  1 
ATOM   104 H HE3  . LYS A 1 7  ? 4.834   -18.624 -10.694 1.00 0.00 ? 7  LYS A HE3  1 
ATOM   105 H HZ1  . LYS A 1 7  ? 2.291   -18.513 -11.242 1.00 0.00 ? 7  LYS A HZ1  1 
ATOM   106 H HZ2  . LYS A 1 7  ? 3.020   -19.976 -10.806 1.00 0.00 ? 7  LYS A HZ2  1 
ATOM   107 H HZ3  . LYS A 1 7  ? 2.706   -19.641 -12.433 1.00 0.00 ? 7  LYS A HZ3  1 
ATOM   108 N N    . PHE A 1 8  ? 2.393   -14.549 -8.271  1.00 0.00 ? 8  PHE A N    1 
ATOM   109 C CA   . PHE A 1 8  ? 1.242   -14.855 -7.431  1.00 0.00 ? 8  PHE A CA   1 
ATOM   110 C C    . PHE A 1 8  ? 0.945   -13.695 -6.480  1.00 0.00 ? 8  PHE A C    1 
ATOM   111 O O    . PHE A 1 8  ? -0.207  -13.461 -6.113  1.00 0.00 ? 8  PHE A O    1 
ATOM   112 C CB   . PHE A 1 8  ? 1.486   -16.165 -6.662  1.00 0.00 ? 8  PHE A CB   1 
ATOM   113 C CG   . PHE A 1 8  ? 1.137   -16.120 -5.198  1.00 0.00 ? 8  PHE A CG   1 
ATOM   114 C CD1  . PHE A 1 8  ? -0.185  -16.146 -4.779  1.00 0.00 ? 8  PHE A CD1  1 
ATOM   115 C CD2  . PHE A 1 8  ? 2.137   -16.064 -4.240  1.00 0.00 ? 8  PHE A CD2  1 
ATOM   116 C CE1  . PHE A 1 8  ? -0.501  -16.114 -3.434  1.00 0.00 ? 8  PHE A CE1  1 
ATOM   117 C CE2  . PHE A 1 8  ? 1.827   -16.034 -2.895  1.00 0.00 ? 8  PHE A CE2  1 
ATOM   118 C CZ   . PHE A 1 8  ? 0.508   -16.058 -2.490  1.00 0.00 ? 8  PHE A CZ   1 
ATOM   119 H H    . PHE A 1 8  ? 3.294   -14.704 -7.920  1.00 0.00 ? 8  PHE A H    1 
ATOM   120 H HA   . PHE A 1 8  ? 0.391   -14.988 -8.081  1.00 0.00 ? 8  PHE A HA   1 
ATOM   121 H HB2  . PHE A 1 8  ? 0.895   -16.947 -7.113  1.00 0.00 ? 8  PHE A HB2  1 
ATOM   122 H HB3  . PHE A 1 8  ? 2.532   -16.425 -6.745  1.00 0.00 ? 8  PHE A HB3  1 
ATOM   123 H HD1  . PHE A 1 8  ? -0.973  -16.189 -5.516  1.00 0.00 ? 8  PHE A HD1  1 
ATOM   124 H HD2  . PHE A 1 8  ? 3.168   -16.042 -4.554  1.00 0.00 ? 8  PHE A HD2  1 
ATOM   125 H HE1  . PHE A 1 8  ? -1.533  -16.133 -3.121  1.00 0.00 ? 8  PHE A HE1  1 
ATOM   126 H HE2  . PHE A 1 8  ? 2.618   -15.991 -2.161  1.00 0.00 ? 8  PHE A HE2  1 
ATOM   127 H HZ   . PHE A 1 8  ? 0.264   -16.034 -1.439  1.00 0.00 ? 8  PHE A HZ   1 
ATOM   128 N N    . LEU A 1 9  ? 1.988   -12.966 -6.093  1.00 0.00 ? 9  LEU A N    1 
ATOM   129 C CA   . LEU A 1 9  ? 1.827   -11.828 -5.193  1.00 0.00 ? 9  LEU A CA   1 
ATOM   130 C C    . LEU A 1 9  ? 1.321   -10.609 -5.952  1.00 0.00 ? 9  LEU A C    1 
ATOM   131 O O    . LEU A 1 9  ? 0.794   -9.672  -5.358  1.00 0.00 ? 9  LEU A O    1 
ATOM   132 C CB   . LEU A 1 9  ? 3.149   -11.491 -4.501  1.00 0.00 ? 9  LEU A CB   1 
ATOM   133 C CG   . LEU A 1 9  ? 3.617   -12.509 -3.458  1.00 0.00 ? 9  LEU A CG   1 
ATOM   134 C CD1  . LEU A 1 9  ? 5.044   -12.210 -3.026  1.00 0.00 ? 9  LEU A CD1  1 
ATOM   135 C CD2  . LEU A 1 9  ? 2.684   -12.510 -2.257  1.00 0.00 ? 9  LEU A CD2  1 
ATOM   136 H H    . LEU A 1 9  ? 2.883   -13.196 -6.420  1.00 0.00 ? 9  LEU A H    1 
ATOM   137 H HA   . LEU A 1 9  ? 1.098   -12.100 -4.444  1.00 0.00 ? 9  LEU A HA   1 
ATOM   138 H HB2  . LEU A 1 9  ? 3.910   -11.402 -5.258  1.00 0.00 ? 9  LEU A HB2  1 
ATOM   139 H HB3  . LEU A 1 9  ? 3.041   -10.535 -4.013  1.00 0.00 ? 9  LEU A HB3  1 
ATOM   140 H HG   . LEU A 1 9  ? 3.601   -13.497 -3.897  1.00 0.00 ? 9  LEU A HG   1 
ATOM   141 H HD11 . LEU A 1 9  ? 5.040   -11.407 -2.304  1.00 0.00 ? 9  LEU A HD11 1 
ATOM   142 H HD12 . LEU A 1 9  ? 5.477   -13.093 -2.580  1.00 0.00 ? 9  LEU A HD12 1 
ATOM   143 H HD13 . LEU A 1 9  ? 5.627   -11.918 -3.886  1.00 0.00 ? 9  LEU A HD13 1 
ATOM   144 H HD21 . LEU A 1 9  ? 3.225   -12.186 -1.381  1.00 0.00 ? 9  LEU A HD21 1 
ATOM   145 H HD22 . LEU A 1 9  ? 1.859   -11.837 -2.441  1.00 0.00 ? 9  LEU A HD22 1 
ATOM   146 H HD23 . LEU A 1 9  ? 2.304   -13.508 -2.097  1.00 0.00 ? 9  LEU A HD23 1 
ATOM   147 N N    . ALA A 1 10 ? 1.487   -10.619 -7.269  1.00 0.00 ? 10 ALA A N    1 
ATOM   148 C CA   . ALA A 1 10 ? 1.031   -9.510  -8.093  1.00 0.00 ? 10 ALA A CA   1 
ATOM   149 C C    . ALA A 1 10 ? -0.492  -9.451  -8.106  1.00 0.00 ? 10 ALA A C    1 
ATOM   150 O O    . ALA A 1 10 ? -1.086  -8.470  -8.553  1.00 0.00 ? 10 ALA A O    1 
ATOM   151 C CB   . ALA A 1 10 ? 1.575   -9.636  -9.508  1.00 0.00 ? 10 ALA A CB   1 
ATOM   152 H H    . ALA A 1 10 ? 1.923   -11.387 -7.693  1.00 0.00 ? 10 ALA A H    1 
ATOM   153 H HA   . ALA A 1 10 ? 1.412   -8.595  -7.660  1.00 0.00 ? 10 ALA A HA   1 
ATOM   154 H HB1  . ALA A 1 10 ? 2.645   -9.776  -9.470  1.00 0.00 ? 10 ALA A HB1  1 
ATOM   155 H HB2  . ALA A 1 10 ? 1.117   -10.483 -9.996  1.00 0.00 ? 10 ALA A HB2  1 
ATOM   156 H HB3  . ALA A 1 10 ? 1.349   -8.737  -10.062 1.00 0.00 ? 10 ALA A HB3  1 
ATOM   157 N N    . LYS A 1 11 ? -1.114  -10.516 -7.610  1.00 0.00 ? 11 LYS A N    1 
ATOM   158 C CA   . LYS A 1 11 ? -2.566  -10.601 -7.543  1.00 0.00 ? 11 LYS A CA   1 
ATOM   159 C C    . LYS A 1 11 ? -3.043  -10.341 -6.119  1.00 0.00 ? 11 LYS A C    1 
ATOM   160 O O    . LYS A 1 11 ? -4.232  -10.133 -5.877  1.00 0.00 ? 11 LYS A O    1 
ATOM   161 C CB   . LYS A 1 11 ? -3.037  -11.979 -8.010  1.00 0.00 ? 11 LYS A CB   1 
ATOM   162 C CG   . LYS A 1 11 ? -4.424  -11.970 -8.627  1.00 0.00 ? 11 LYS A CG   1 
ATOM   163 C CD   . LYS A 1 11 ? -4.690  -13.244 -9.413  1.00 0.00 ? 11 LYS A CD   1 
ATOM   164 C CE   . LYS A 1 11 ? -5.491  -12.962 -10.674 1.00 0.00 ? 11 LYS A CE   1 
ATOM   165 N NZ   . LYS A 1 11 ? -6.944  -12.817 -10.387 1.00 0.00 ? 11 LYS A NZ   1 
ATOM   166 H H    . LYS A 1 11 ? -0.578  -11.267 -7.278  1.00 0.00 ? 11 LYS A H    1 
ATOM   167 H HA   . LYS A 1 11 ? -2.976  -9.846  -8.195  1.00 0.00 ? 11 LYS A HA   1 
ATOM   168 H HB2  . LYS A 1 11 ? -2.340  -12.352 -8.747  1.00 0.00 ? 11 LYS A HB2  1 
ATOM   169 H HB3  . LYS A 1 11 ? -3.047  -12.649 -7.164  1.00 0.00 ? 11 LYS A HB3  1 
ATOM   170 H HG2  . LYS A 1 11 ? -5.158  -11.884 -7.841  1.00 0.00 ? 11 LYS A HG2  1 
ATOM   171 H HG3  . LYS A 1 11 ? -4.506  -11.122 -9.293  1.00 0.00 ? 11 LYS A HG3  1 
ATOM   172 H HD2  . LYS A 1 11 ? -3.747  -13.688 -9.690  1.00 0.00 ? 11 LYS A HD2  1 
ATOM   173 H HD3  . LYS A 1 11 ? -5.245  -13.929 -8.790  1.00 0.00 ? 11 LYS A HD3  1 
ATOM   174 H HE2  . LYS A 1 11 ? -5.129  -12.047 -11.118 1.00 0.00 ? 11 LYS A HE2  1 
ATOM   175 H HE3  . LYS A 1 11 ? -5.348  -13.779 -11.365 1.00 0.00 ? 11 LYS A HE3  1 
ATOM   176 H HZ1  . LYS A 1 11 ? -7.402  -12.255 -11.133 1.00 0.00 ? 11 LYS A HZ1  1 
ATOM   177 H HZ2  . LYS A 1 11 ? -7.083  -12.340 -9.474  1.00 0.00 ? 11 LYS A HZ2  1 
ATOM   178 H HZ3  . LYS A 1 11 ? -7.397  -13.754 -10.347 1.00 0.00 ? 11 LYS A HZ3  1 
ATOM   179 N N    . LYS A 1 12 ? -2.100  -10.358 -5.181  1.00 0.00 ? 12 LYS A N    1 
ATOM   180 C CA   . LYS A 1 12 ? -2.405  -10.122 -3.776  1.00 0.00 ? 12 LYS A CA   1 
ATOM   181 C C    . LYS A 1 12 ? -1.793  -8.806  -3.313  1.00 0.00 ? 12 LYS A C    1 
ATOM   182 O O    . LYS A 1 12 ? -2.508  -7.878  -2.932  1.00 0.00 ? 12 LYS A O    1 
ATOM   183 C CB   . LYS A 1 12 ? -1.882  -11.276 -2.916  1.00 0.00 ? 12 LYS A CB   1 
ATOM   184 C CG   . LYS A 1 12 ? -2.848  -11.707 -1.825  1.00 0.00 ? 12 LYS A CG   1 
ATOM   185 C CD   . LYS A 1 12 ? -4.053  -12.433 -2.402  1.00 0.00 ? 12 LYS A CD   1 
ATOM   186 C CE   . LYS A 1 12 ? -3.844  -13.940 -2.409  1.00 0.00 ? 12 LYS A CE   1 
ATOM   187 N NZ   . LYS A 1 12 ? -4.897  -14.642 -3.192  1.00 0.00 ? 12 LYS A NZ   1 
ATOM   188 H H    . LYS A 1 12 ? -1.172  -10.532 -5.443  1.00 0.00 ? 12 LYS A H    1 
ATOM   189 H HA   . LYS A 1 12 ? -3.479  -10.064 -3.673  1.00 0.00 ? 12 LYS A HA   1 
ATOM   190 H HB2  . LYS A 1 12 ? -1.689  -12.125 -3.554  1.00 0.00 ? 12 LYS A HB2  1 
ATOM   191 H HB3  . LYS A 1 12 ? -0.957  -10.970 -2.450  1.00 0.00 ? 12 LYS A HB3  1 
ATOM   192 H HG2  . LYS A 1 12 ? -2.333  -12.368 -1.145  1.00 0.00 ? 12 LYS A HG2  1 
ATOM   193 H HG3  . LYS A 1 12 ? -3.187  -10.831 -1.291  1.00 0.00 ? 12 LYS A HG3  1 
ATOM   194 H HD2  . LYS A 1 12 ? -4.920  -12.204 -1.802  1.00 0.00 ? 12 LYS A HD2  1 
ATOM   195 H HD3  . LYS A 1 12 ? -4.212  -12.096 -3.415  1.00 0.00 ? 12 LYS A HD3  1 
ATOM   196 H HE2  . LYS A 1 12 ? -2.880  -14.154 -2.847  1.00 0.00 ? 12 LYS A HE2  1 
ATOM   197 H HE3  . LYS A 1 12 ? -3.864  -14.298 -1.391  1.00 0.00 ? 12 LYS A HE3  1 
ATOM   198 H HZ1  . LYS A 1 12 ? -4.480  -15.432 -3.725  1.00 0.00 ? 12 LYS A HZ1  1 
ATOM   199 H HZ2  . LYS A 1 12 ? -5.344  -13.985 -3.862  1.00 0.00 ? 12 LYS A HZ2  1 
ATOM   200 H HZ3  . LYS A 1 12 ? -5.627  -15.016 -2.553  1.00 0.00 ? 12 LYS A HZ3  1 
ATOM   201 N N    . VAL A 1 13 ? -0.464  -8.734  -3.346  1.00 0.00 ? 13 VAL A N    1 
ATOM   202 C CA   . VAL A 1 13 ? 0.247   -7.528  -2.943  1.00 0.00 ? 13 VAL A CA   1 
ATOM   203 C C    . VAL A 1 13 ? -0.232  -6.320  -3.746  1.00 0.00 ? 13 VAL A C    1 
ATOM   204 O O    . VAL A 1 13 ? -0.256  -5.196  -3.242  1.00 0.00 ? 13 VAL A O    1 
ATOM   205 C CB   . VAL A 1 13 ? 1.770   -7.693  -3.120  1.00 0.00 ? 13 VAL A CB   1 
ATOM   206 C CG1  . VAL A 1 13 ? 2.493   -6.376  -2.876  1.00 0.00 ? 13 VAL A CG1  1 
ATOM   207 C CG2  . VAL A 1 13 ? 2.296   -8.775  -2.189  1.00 0.00 ? 13 VAL A CG2  1 
ATOM   208 H H    . VAL A 1 13 ? 0.052   -9.514  -3.645  1.00 0.00 ? 13 VAL A H    1 
ATOM   209 H HA   . VAL A 1 13 ? 0.044   -7.355  -1.898  1.00 0.00 ? 13 VAL A HA   1 
ATOM   210 H HB   . VAL A 1 13 ? 1.963   -8.000  -4.139  1.00 0.00 ? 13 VAL A HB   1 
ATOM   211 H HG11 . VAL A 1 13 ? 1.994   -5.833  -2.087  1.00 0.00 ? 13 VAL A HG11 1 
ATOM   212 H HG12 . VAL A 1 13 ? 3.515   -6.575  -2.587  1.00 0.00 ? 13 VAL A HG12 1 
ATOM   213 H HG13 . VAL A 1 13 ? 2.482   -5.787  -3.781  1.00 0.00 ? 13 VAL A HG13 1 
ATOM   214 H HG21 . VAL A 1 13 ? 2.219   -8.437  -1.166  1.00 0.00 ? 13 VAL A HG21 1 
ATOM   215 H HG22 . VAL A 1 13 ? 1.714   -9.674  -2.316  1.00 0.00 ? 13 VAL A HG22 1 
ATOM   216 H HG23 . VAL A 1 13 ? 3.331   -8.979  -2.423  1.00 0.00 ? 13 VAL A HG23 1 
ATOM   217 N N    . ALA A 1 14 ? -0.617  -6.562  -4.995  1.00 0.00 ? 14 ALA A N    1 
ATOM   218 C CA   . ALA A 1 14 ? -1.097  -5.497  -5.868  1.00 0.00 ? 14 ALA A CA   1 
ATOM   219 C C    . ALA A 1 14 ? -2.614  -5.555  -6.016  1.00 0.00 ? 14 ALA A C    1 
ATOM   220 O O    . ALA A 1 14 ? -3.147  -5.435  -7.120  1.00 0.00 ? 14 ALA A O    1 
ATOM   221 C CB   . ALA A 1 14 ? -0.425  -5.590  -7.230  1.00 0.00 ? 14 ALA A CB   1 
ATOM   222 H H    . ALA A 1 14 ? -0.577  -7.480  -5.338  1.00 0.00 ? 14 ALA A H    1 
ATOM   223 H HA   . ALA A 1 14 ? -0.824  -4.552  -5.422  1.00 0.00 ? 14 ALA A HA   1 
ATOM   224 H HB1  . ALA A 1 14 ? 0.450   -6.219  -7.158  1.00 0.00 ? 14 ALA A HB1  1 
ATOM   225 H HB2  . ALA A 1 14 ? -1.116  -6.015  -7.945  1.00 0.00 ? 14 ALA A HB2  1 
ATOM   226 H HB3  . ALA A 1 14 ? -0.133  -4.603  -7.555  1.00 0.00 ? 14 ALA A HB3  1 
ATOM   227 N N    . LYS A 1 15 ? -3.306  -5.736  -4.895  1.00 0.00 ? 15 LYS A N    1 
ATOM   228 C CA   . LYS A 1 15 ? -4.762  -5.811  -4.897  1.00 0.00 ? 15 LYS A CA   1 
ATOM   229 C C    . LYS A 1 15 ? -5.358  -4.912  -3.819  1.00 0.00 ? 15 LYS A C    1 
ATOM   230 O O    . LYS A 1 15 ? -6.293  -4.153  -4.078  1.00 0.00 ? 15 LYS A O    1 
ATOM   231 C CB   . LYS A 1 15 ? -5.218  -7.251  -4.683  1.00 0.00 ? 15 LYS A CB   1 
ATOM   232 C CG   . LYS A 1 15 ? -6.689  -7.479  -4.997  1.00 0.00 ? 15 LYS A CG   1 
ATOM   233 C CD   . LYS A 1 15 ? -6.925  -7.618  -6.492  1.00 0.00 ? 15 LYS A CD   1 
ATOM   234 C CE   . LYS A 1 15 ? -8.336  -7.201  -6.873  1.00 0.00 ? 15 LYS A CE   1 
ATOM   235 N NZ   . LYS A 1 15 ? -8.664  -7.569  -8.278  1.00 0.00 ? 15 LYS A NZ   1 
ATOM   236 H H    . LYS A 1 15 ? -2.824  -5.823  -4.045  1.00 0.00 ? 15 LYS A H    1 
ATOM   237 H HA   . LYS A 1 15 ? -5.109  -5.477  -5.858  1.00 0.00 ? 15 LYS A HA   1 
ATOM   238 H HB2  . LYS A 1 15 ? -4.632  -7.902  -5.315  1.00 0.00 ? 15 LYS A HB2  1 
ATOM   239 H HB3  . LYS A 1 15 ? -5.048  -7.515  -3.654  1.00 0.00 ? 15 LYS A HB3  1 
ATOM   240 H HG2  . LYS A 1 15 ? -7.015  -8.383  -4.505  1.00 0.00 ? 15 LYS A HG2  1 
ATOM   241 H HG3  . LYS A 1 15 ? -7.260  -6.640  -4.627  1.00 0.00 ? 15 LYS A HG3  1 
ATOM   242 H HD2  . LYS A 1 15 ? -6.221  -6.991  -7.018  1.00 0.00 ? 15 LYS A HD2  1 
ATOM   243 H HD3  . LYS A 1 15 ? -6.775  -8.649  -6.776  1.00 0.00 ? 15 LYS A HD3  1 
ATOM   244 H HE2  . LYS A 1 15 ? -9.034  -7.690  -6.210  1.00 0.00 ? 15 LYS A HE2  1 
ATOM   245 H HE3  . LYS A 1 15 ? -8.425  -6.131  -6.760  1.00 0.00 ? 15 LYS A HE3  1 
ATOM   246 H HZ1  . LYS A 1 15 ? -9.043  -8.537  -8.315  1.00 0.00 ? 15 LYS A HZ1  1 
ATOM   247 H HZ2  . LYS A 1 15 ? -7.810  -7.521  -8.869  1.00 0.00 ? 15 LYS A HZ2  1 
ATOM   248 H HZ3  . LYS A 1 15 ? -9.375  -6.915  -8.662  1.00 0.00 ? 15 LYS A HZ3  1 
ATOM   249 N N    . THR A 1 16 ? -4.813  -5.003  -2.610  1.00 0.00 ? 16 THR A N    1 
ATOM   250 C CA   . THR A 1 16 ? -5.291  -4.200  -1.491  1.00 0.00 ? 16 THR A CA   1 
ATOM   251 C C    . THR A 1 16 ? -4.743  -2.778  -1.559  1.00 0.00 ? 16 THR A C    1 
ATOM   252 O O    . THR A 1 16 ? -5.426  -1.822  -1.194  1.00 0.00 ? 16 THR A O    1 
ATOM   253 C CB   . THR A 1 16 ? -4.899  -4.827  -0.141  1.00 0.00 ? 16 THR A CB   1 
ATOM   254 O OG1  . THR A 1 16 ? -5.059  -6.249  -0.197  1.00 0.00 ? 16 THR A OG1  1 
ATOM   255 C CG2  . THR A 1 16 ? -5.750  -4.260  0.985   1.00 0.00 ? 16 THR A CG2  1 
ATOM   256 H H    . THR A 1 16 ? -4.071  -5.628  -2.467  1.00 0.00 ? 16 THR A H    1 
ATOM   257 H HA   . THR A 1 16 ? -6.369  -4.160  -1.547  1.00 0.00 ? 16 THR A HA   1 
ATOM   258 H HB   . THR A 1 16 ? -3.863  -4.595  0.060   1.00 0.00 ? 16 THR A HB   1 
ATOM   259 H HG1  . THR A 1 16 ? -4.282  -6.643  -0.601  1.00 0.00 ? 16 THR A HG1  1 
ATOM   260 H HG21 . THR A 1 16 ? -5.874  -5.008  1.755   1.00 0.00 ? 16 THR A HG21 1 
ATOM   261 H HG22 . THR A 1 16 ? -6.719  -3.980  0.598   1.00 0.00 ? 16 THR A HG22 1 
ATOM   262 H HG23 . THR A 1 16 ? -5.265  -3.391  1.403   1.00 0.00 ? 16 THR A HG23 1 
ATOM   263 N N    . VAL A 1 17 ? -3.505  -2.647  -2.028  1.00 0.00 ? 17 VAL A N    1 
ATOM   264 C CA   . VAL A 1 17 ? -2.866  -1.341  -2.143  1.00 0.00 ? 17 VAL A CA   1 
ATOM   265 C C    . VAL A 1 17 ? -3.580  -0.468  -3.170  1.00 0.00 ? 17 VAL A C    1 
ATOM   266 O O    . VAL A 1 17 ? -3.640  0.753   -3.026  1.00 0.00 ? 17 VAL A O    1 
ATOM   267 C CB   . VAL A 1 17 ? -1.383  -1.474  -2.542  1.00 0.00 ? 17 VAL A CB   1 
ATOM   268 C CG1  . VAL A 1 17 ? -0.691  -0.119  -2.488  1.00 0.00 ? 17 VAL A CG1  1 
ATOM   269 C CG2  . VAL A 1 17 ? -0.675  -2.477  -1.644  1.00 0.00 ? 17 VAL A CG2  1 
ATOM   270 H H    . VAL A 1 17 ? -3.012  -3.447  -2.305  1.00 0.00 ? 17 VAL A H    1 
ATOM   271 H HA   . VAL A 1 17 ? -2.916  -0.859  -1.178  1.00 0.00 ? 17 VAL A HA   1 
ATOM   272 H HB   . VAL A 1 17 ? -1.336  -1.836  -3.558  1.00 0.00 ? 17 VAL A HB   1 
ATOM   273 H HG11 . VAL A 1 17 ? -0.786  0.372   -3.444  1.00 0.00 ? 17 VAL A HG11 1 
ATOM   274 H HG12 . VAL A 1 17 ? -1.150  0.489   -1.723  1.00 0.00 ? 17 VAL A HG12 1 
ATOM   275 H HG13 . VAL A 1 17 ? 0.355   -0.259  -2.258  1.00 0.00 ? 17 VAL A HG13 1 
ATOM   276 H HG21 . VAL A 1 17 ? 0.248   -2.790  -2.113  1.00 0.00 ? 17 VAL A HG21 1 
ATOM   277 H HG22 . VAL A 1 17 ? -0.457  -2.017  -0.692  1.00 0.00 ? 17 VAL A HG22 1 
ATOM   278 H HG23 . VAL A 1 17 ? -1.310  -3.336  -1.493  1.00 0.00 ? 17 VAL A HG23 1 
ATOM   279 N N    . ALA A 1 18 ? -4.121  -1.104  -4.206  1.00 0.00 ? 18 ALA A N    1 
ATOM   280 C CA   . ALA A 1 18 ? -4.832  -0.388  -5.259  1.00 0.00 ? 18 ALA A CA   1 
ATOM   281 C C    . ALA A 1 18 ? -6.005  0.403   -4.690  1.00 0.00 ? 18 ALA A C    1 
ATOM   282 O O    . ALA A 1 18 ? -6.361  1.463   -5.207  1.00 0.00 ? 18 ALA A O    1 
ATOM   283 C CB   . ALA A 1 18 ? -5.315  -1.361  -6.323  1.00 0.00 ? 18 ALA A CB   1 
ATOM   284 H H    . ALA A 1 18 ? -4.039  -2.079  -4.263  1.00 0.00 ? 18 ALA A H    1 
ATOM   285 H HA   . ALA A 1 18 ? -4.138  0.299   -5.721  1.00 0.00 ? 18 ALA A HA   1 
ATOM   286 H HB1  . ALA A 1 18 ? -5.422  -2.345  -5.891  1.00 0.00 ? 18 ALA A HB1  1 
ATOM   287 H HB2  . ALA A 1 18 ? -6.269  -1.031  -6.706  1.00 0.00 ? 18 ALA A HB2  1 
ATOM   288 H HB3  . ALA A 1 18 ? -4.597  -1.397  -7.130  1.00 0.00 ? 18 ALA A HB3  1 
ATOM   289 N N    . LYS A 1 19 ? -6.603  -0.118  -3.623  1.00 0.00 ? 19 LYS A N    1 
ATOM   290 C CA   . LYS A 1 19 ? -7.737  0.539   -2.983  1.00 0.00 ? 19 LYS A CA   1 
ATOM   291 C C    . LYS A 1 19 ? -7.267  1.505   -1.901  1.00 0.00 ? 19 LYS A C    1 
ATOM   292 O O    . LYS A 1 19 ? -7.952  2.479   -1.585  1.00 0.00 ? 19 LYS A O    1 
ATOM   293 C CB   . LYS A 1 19 ? -8.680  -0.503  -2.377  1.00 0.00 ? 19 LYS A CB   1 
ATOM   294 C CG   . LYS A 1 19 ? -10.093 0.011   -2.152  1.00 0.00 ? 19 LYS A CG   1 
ATOM   295 C CD   . LYS A 1 19 ? -10.805 -0.776  -1.065  1.00 0.00 ? 19 LYS A CD   1 
ATOM   296 C CE   . LYS A 1 19 ? -12.218 -1.154  -1.484  1.00 0.00 ? 19 LYS A CE   1 
ATOM   297 N NZ   . LYS A 1 19 ? -12.227 -1.992  -2.714  1.00 0.00 ? 19 LYS A NZ   1 
ATOM   298 H H    . LYS A 1 19 ? -6.273  -0.965  -3.257  1.00 0.00 ? 19 LYS A H    1 
ATOM   299 H HA   . LYS A 1 19 ? -8.268  1.095   -3.740  1.00 0.00 ? 19 LYS A HA   1 
ATOM   300 H HB2  . LYS A 1 19 ? -8.731  -1.354  -3.041  1.00 0.00 ? 19 LYS A HB2  1 
ATOM   301 H HB3  . LYS A 1 19 ? -8.281  -0.823  -1.427  1.00 0.00 ? 19 LYS A HB3  1 
ATOM   302 H HG2  . LYS A 1 19 ? -10.045 1.049   -1.859  1.00 0.00 ? 19 LYS A HG2  1 
ATOM   303 H HG3  . LYS A 1 19 ? -10.649 -0.080  -3.074  1.00 0.00 ? 19 LYS A HG3  1 
ATOM   304 H HD2  . LYS A 1 19 ? -10.248 -1.678  -0.863  1.00 0.00 ? 19 LYS A HD2  1 
ATOM   305 H HD3  . LYS A 1 19 ? -10.853 -0.173  -0.171  1.00 0.00 ? 19 LYS A HD3  1 
ATOM   306 H HE2  . LYS A 1 19 ? -12.682 -1.705  -0.680  1.00 0.00 ? 19 LYS A HE2  1 
ATOM   307 H HE3  . LYS A 1 19 ? -12.777 -0.249  -1.670  1.00 0.00 ? 19 LYS A HE3  1 
ATOM   308 H HZ1  . LYS A 1 19 ? -13.200 -2.104  -3.063  1.00 0.00 ? 19 LYS A HZ1  1 
ATOM   309 H HZ2  . LYS A 1 19 ? -11.833 -2.933  -2.509  1.00 0.00 ? 19 LYS A HZ2  1 
ATOM   310 H HZ3  . LYS A 1 19 ? -11.653 -1.544  -3.457  1.00 0.00 ? 19 LYS A HZ3  1 
ATOM   311 N N    . GLN A 1 20 ? -6.095  1.232   -1.338  1.00 0.00 ? 20 GLN A N    1 
ATOM   312 C CA   . GLN A 1 20 ? -5.532  2.079   -0.291  1.00 0.00 ? 20 GLN A CA   1 
ATOM   313 C C    . GLN A 1 20 ? -4.418  2.962   -0.848  1.00 0.00 ? 20 GLN A C    1 
ATOM   314 O O    . GLN A 1 20 ? -3.279  2.909   -0.385  1.00 0.00 ? 20 GLN A O    1 
ATOM   315 C CB   . GLN A 1 20 ? -4.994  1.221   0.858   1.00 0.00 ? 20 GLN A CB   1 
ATOM   316 C CG   . GLN A 1 20 ? -5.920  0.080   1.252   1.00 0.00 ? 20 GLN A CG   1 
ATOM   317 C CD   . GLN A 1 20 ? -6.298  0.116   2.720   1.00 0.00 ? 20 GLN A CD   1 
ATOM   318 O OE1  . GLN A 1 20 ? -5.599  0.710   3.540   1.00 0.00 ? 20 GLN A OE1  1 
ATOM   319 N NE2  . GLN A 1 20 ? -7.412  -0.524  3.058   1.00 0.00 ? 20 GLN A NE2  1 
ATOM   320 H H    . GLN A 1 20 ? -5.595  0.442   -1.632  1.00 0.00 ? 20 GLN A H    1 
ATOM   321 H HA   . GLN A 1 20 ? -6.323  2.711   0.083   1.00 0.00 ? 20 GLN A HA   1 
ATOM   322 H HB2  . GLN A 1 20 ? -4.045  0.800   0.562   1.00 0.00 ? 20 GLN A HB2  1 
ATOM   323 H HB3  . GLN A 1 20 ? -4.846  1.851   1.722   1.00 0.00 ? 20 GLN A HB3  1 
ATOM   324 H HG2  . GLN A 1 20 ? -6.822  0.145   0.662   1.00 0.00 ? 20 GLN A HG2  1 
ATOM   325 H HG3  . GLN A 1 20 ? -5.422  -0.856  1.045   1.00 0.00 ? 20 GLN A HG3  1 
ATOM   326 H HE21 . GLN A 1 20 ? -7.919  -0.976  2.352   1.00 0.00 ? 20 GLN A HE21 1 
ATOM   327 H HE22 . GLN A 1 20 ? -7.679  -0.518  4.001   1.00 0.00 ? 20 GLN A HE22 1 
ATOM   328 N N    . ALA A 1 21 ? -4.757  3.771   -1.846  1.00 0.00 ? 21 ALA A N    1 
ATOM   329 C CA   . ALA A 1 21 ? -3.788  4.667   -2.466  1.00 0.00 ? 21 ALA A CA   1 
ATOM   330 C C    . ALA A 1 21 ? -3.653  5.962   -1.672  1.00 0.00 ? 21 ALA A C    1 
ATOM   331 O O    . ALA A 1 21 ? -2.851  6.830   -2.015  1.00 0.00 ? 21 ALA A O    1 
ATOM   332 C CB   . ALA A 1 21 ? -4.192  4.966   -3.902  1.00 0.00 ? 21 ALA A CB   1 
ATOM   333 H H    . ALA A 1 21 ? -5.681  3.766   -2.172  1.00 0.00 ? 21 ALA A H    1 
ATOM   334 H HA   . ALA A 1 21 ? -2.832  4.164   -2.482  1.00 0.00 ? 21 ALA A HA   1 
ATOM   335 H HB1  . ALA A 1 21 ? -3.923  5.983   -4.147  1.00 0.00 ? 21 ALA A HB1  1 
ATOM   336 H HB2  . ALA A 1 21 ? -3.680  4.288   -4.568  1.00 0.00 ? 21 ALA A HB2  1 
ATOM   337 H HB3  . ALA A 1 21 ? -5.258  4.840   -4.010  1.00 0.00 ? 21 ALA A HB3  1 
ATOM   338 N N    . ALA A 1 22 ? -4.442  6.082   -0.608  1.00 0.00 ? 22 ALA A N    1 
ATOM   339 C CA   . ALA A 1 22 ? -4.411  7.270   0.236   1.00 0.00 ? 22 ALA A CA   1 
ATOM   340 C C    . ALA A 1 22 ? -4.037  6.917   1.672   1.00 0.00 ? 22 ALA A C    1 
ATOM   341 O O    . ALA A 1 22 ? -4.146  7.748   2.574   1.00 0.00 ? 22 ALA A O    1 
ATOM   342 C CB   . ALA A 1 22 ? -5.758  7.976   0.200   1.00 0.00 ? 22 ALA A CB   1 
ATOM   343 H H    . ALA A 1 22 ? -5.059  5.354   -0.386  1.00 0.00 ? 22 ALA A H    1 
ATOM   344 H HA   . ALA A 1 22 ? -3.668  7.944   -0.164  1.00 0.00 ? 22 ALA A HA   1 
ATOM   345 H HB1  . ALA A 1 22 ? -6.425  7.517   0.915   1.00 0.00 ? 22 ALA A HB1  1 
ATOM   346 H HB2  . ALA A 1 22 ? -5.627  9.019   0.449   1.00 0.00 ? 22 ALA A HB2  1 
ATOM   347 H HB3  . ALA A 1 22 ? -6.181  7.894   -0.791  1.00 0.00 ? 22 ALA A HB3  1 
ATOM   348 N N    . LYS A 1 23 ? -3.594  5.681   1.879   1.00 0.00 ? 23 LYS A N    1 
ATOM   349 C CA   . LYS A 1 23 ? -3.204  5.222   3.207   1.00 0.00 ? 23 LYS A CA   1 
ATOM   350 C C    . LYS A 1 23 ? -1.983  5.986   3.712   1.00 0.00 ? 23 LYS A C    1 
ATOM   351 O O    . LYS A 1 23 ? -1.764  6.097   4.919   1.00 0.00 ? 23 LYS A O    1 
ATOM   352 C CB   . LYS A 1 23 ? -2.912  3.720   3.190   1.00 0.00 ? 23 LYS A CB   1 
ATOM   353 C CG   . LYS A 1 23 ? -1.696  3.342   2.359   1.00 0.00 ? 23 LYS A CG   1 
ATOM   354 C CD   . LYS A 1 23 ? -0.763  2.417   3.126   1.00 0.00 ? 23 LYS A CD   1 
ATOM   355 C CE   . LYS A 1 23 ? -1.020  0.959   2.786   1.00 0.00 ? 23 LYS A CE   1 
ATOM   356 N NZ   . LYS A 1 23 ? -0.117  0.470   1.707   1.00 0.00 ? 23 LYS A NZ   1 
ATOM   357 H H    . LYS A 1 23 ? -3.528  5.063   1.121   1.00 0.00 ? 23 LYS A H    1 
ATOM   358 H HA   . LYS A 1 23 ? -4.030  5.410   3.877   1.00 0.00 ? 23 LYS A HA   1 
ATOM   359 H HB2  . LYS A 1 23 ? -2.746  3.386   4.204   1.00 0.00 ? 23 LYS A HB2  1 
ATOM   360 H HB3  . LYS A 1 23 ? -3.771  3.203   2.787   1.00 0.00 ? 23 LYS A HB3  1 
ATOM   361 H HG2  . LYS A 1 23 ? -2.026  2.838   1.464   1.00 0.00 ? 23 LYS A HG2  1 
ATOM   362 H HG3  . LYS A 1 23 ? -1.159  4.240   2.093   1.00 0.00 ? 23 LYS A HG3  1 
ATOM   363 H HD2  . LYS A 1 23 ? 0.258   2.660   2.871   1.00 0.00 ? 23 LYS A HD2  1 
ATOM   364 H HD3  . LYS A 1 23 ? -0.916  2.563   4.185   1.00 0.00 ? 23 LYS A HD3  1 
ATOM   365 H HE2  . LYS A 1 23 ? -0.862  0.362   3.672   1.00 0.00 ? 23 LYS A HE2  1 
ATOM   366 H HE3  . LYS A 1 23 ? -2.045  0.853   2.461   1.00 0.00 ? 23 LYS A HE3  1 
ATOM   367 H HZ1  . LYS A 1 23 ? -0.555  0.626   0.777   1.00 0.00 ? 23 LYS A HZ1  1 
ATOM   368 H HZ2  . LYS A 1 23 ? 0.067   -0.545  1.826   1.00 0.00 ? 23 LYS A HZ2  1 
ATOM   369 H HZ3  . LYS A 1 23 ? 0.788   0.981   1.741   1.00 0.00 ? 23 LYS A HZ3  1 
ATOM   370 N N    . GLN A 1 24 ? -1.192  6.510   2.781   1.00 0.00 ? 24 GLN A N    1 
ATOM   371 C CA   . GLN A 1 24 ? 0.007   7.262   3.132   1.00 0.00 ? 24 GLN A CA   1 
ATOM   372 C C    . GLN A 1 24 ? 0.023   8.619   2.438   1.00 0.00 ? 24 GLN A C    1 
ATOM   373 O O    . GLN A 1 24 ? 1.032   9.327   2.462   1.00 0.00 ? 24 GLN A O    1 
ATOM   374 C CB   . GLN A 1 24 ? 1.260   6.468   2.758   1.00 0.00 ? 24 GLN A CB   1 
ATOM   375 C CG   . GLN A 1 24 ? 2.017   5.927   3.959   1.00 0.00 ? 24 GLN A CG   1 
ATOM   376 C CD   . GLN A 1 24 ? 3.027   4.861   3.581   1.00 0.00 ? 24 GLN A CD   1 
ATOM   377 O OE1  . GLN A 1 24 ? 2.778   4.038   2.700   1.00 0.00 ? 24 GLN A OE1  1 
ATOM   378 N NE2  . GLN A 1 24 ? 4.175   4.872   4.248   1.00 0.00 ? 24 GLN A NE2  1 
ATOM   379 H H    . GLN A 1 24 ? -1.422  6.390   1.836   1.00 0.00 ? 24 GLN A H    1 
ATOM   380 H HA   . GLN A 1 24 ? -0.002  7.419   4.201   1.00 0.00 ? 24 GLN A HA   1 
ATOM   381 H HB2  . GLN A 1 24 ? 0.971   5.633   2.136   1.00 0.00 ? 24 GLN A HB2  1 
ATOM   382 H HB3  . GLN A 1 24 ? 1.924   7.109   2.199   1.00 0.00 ? 24 GLN A HB3  1 
ATOM   383 H HG2  . GLN A 1 24 ? 2.540   6.742   4.436   1.00 0.00 ? 24 GLN A HG2  1 
ATOM   384 H HG3  . GLN A 1 24 ? 1.308   5.500   4.653   1.00 0.00 ? 24 GLN A HG3  1 
ATOM   385 H HE21 . GLN A 1 24 ? 4.305   5.557   4.937   1.00 0.00 ? 24 GLN A HE21 1 
ATOM   386 H HE22 . GLN A 1 24 ? 4.847   4.194   4.024   1.00 0.00 ? 24 GLN A HE22 1 
ATOM   387 N N    . GLY A 1 25 ? -1.098  8.978   1.821   1.00 0.00 ? 25 GLY A N    1 
ATOM   388 C CA   . GLY A 1 25 ? -1.190  10.251  1.131   1.00 0.00 ? 25 GLY A CA   1 
ATOM   389 C C    . GLY A 1 25 ? -1.289  11.420  2.089   1.00 0.00 ? 25 GLY A C    1 
ATOM   390 O O    . GLY A 1 25 ? -0.926  12.546  1.746   1.00 0.00 ? 25 GLY A O    1 
ATOM   391 H H    . GLY A 1 25 ? -1.869  8.373   1.835   1.00 0.00 ? 25 GLY A H    1 
ATOM   392 H HA2  . GLY A 1 25 ? -0.313  10.378  0.514   1.00 0.00 ? 25 GLY A HA2  1 
ATOM   393 H HA3  . GLY A 1 25 ? -2.065  10.242  0.498   1.00 0.00 ? 25 GLY A HA3  1 
ATOM   394 N N    . ALA A 1 26 ? -1.784  11.153  3.294   1.00 0.00 ? 26 ALA A N    1 
ATOM   395 C CA   . ALA A 1 26 ? -1.929  12.190  4.308   1.00 0.00 ? 26 ALA A CA   1 
ATOM   396 C C    . ALA A 1 26 ? -1.674  11.630  5.703   1.00 0.00 ? 26 ALA A C    1 
ATOM   397 O O    . ALA A 1 26 ? -2.588  11.128  6.358   1.00 0.00 ? 26 ALA A O    1 
ATOM   398 C CB   . ALA A 1 26 ? -3.315  12.812  4.233   1.00 0.00 ? 26 ALA A CB   1 
ATOM   399 H H    . ALA A 1 26 ? -2.058  10.237  3.504   1.00 0.00 ? 26 ALA A H    1 
ATOM   400 H HA   . ALA A 1 26 ? -1.202  12.962  4.103   1.00 0.00 ? 26 ALA A HA   1 
ATOM   401 H HB1  . ALA A 1 26 ? -3.260  13.752  3.704   1.00 0.00 ? 26 ALA A HB1  1 
ATOM   402 H HB2  . ALA A 1 26 ? -3.982  12.143  3.710   1.00 0.00 ? 26 ALA A HB2  1 
ATOM   403 H HB3  . ALA A 1 26 ? -3.688  12.984  5.232   1.00 0.00 ? 26 ALA A HB3  1 
ATOM   404 N N    . LYS A 1 27 ? -0.427  11.719  6.154   1.00 0.00 ? 27 LYS A N    1 
ATOM   405 C CA   . LYS A 1 27 ? -0.052  11.220  7.472   1.00 0.00 ? 27 LYS A CA   1 
ATOM   406 C C    . LYS A 1 27 ? 0.865   12.205  8.189   1.00 0.00 ? 27 LYS A C    1 
ATOM   407 O O    . LYS A 1 27 ? 0.811   12.341  9.412   1.00 0.00 ? 27 LYS A O    1 
ATOM   408 C CB   . LYS A 1 27 ? 0.639   9.860   7.350   1.00 0.00 ? 27 LYS A CB   1 
ATOM   409 C CG   . LYS A 1 27 ? 0.758   9.118   8.671   1.00 0.00 ? 27 LYS A CG   1 
ATOM   410 C CD   . LYS A 1 27 ? 0.723   7.611   8.469   1.00 0.00 ? 27 LYS A CD   1 
ATOM   411 C CE   . LYS A 1 27 ? -0.703  7.097   8.351   1.00 0.00 ? 27 LYS A CE   1 
ATOM   412 N NZ   . LYS A 1 27 ? -1.538  7.501   9.516   1.00 0.00 ? 27 LYS A NZ   1 
ATOM   413 H H    . LYS A 1 27 ? 0.259   12.130  5.585   1.00 0.00 ? 27 LYS A H    1 
ATOM   414 H HA   . LYS A 1 27 ? -0.957  11.103  8.050   1.00 0.00 ? 27 LYS A HA   1 
ATOM   415 H HB2  . LYS A 1 27 ? 0.077   9.243   6.664   1.00 0.00 ? 27 LYS A HB2  1 
ATOM   416 H HB3  . LYS A 1 27 ? 1.632   10.009  6.954   1.00 0.00 ? 27 LYS A HB3  1 
ATOM   417 H HG2  . LYS A 1 27 ? 1.692   9.387   9.141   1.00 0.00 ? 27 LYS A HG2  1 
ATOM   418 H HG3  . LYS A 1 27 ? -0.065  9.406   9.309   1.00 0.00 ? 27 LYS A HG3  1 
ATOM   419 H HD2  . LYS A 1 27 ? 1.258   7.367   7.564   1.00 0.00 ? 27 LYS A HD2  1 
ATOM   420 H HD3  . LYS A 1 27 ? 1.200   7.135   9.313   1.00 0.00 ? 27 LYS A HD3  1 
ATOM   421 H HE2  . LYS A 1 27 ? -1.143  7.496   7.449   1.00 0.00 ? 27 LYS A HE2  1 
ATOM   422 H HE3  . LYS A 1 27 ? -0.679  6.018   8.291   1.00 0.00 ? 27 LYS A HE3  1 
ATOM   423 H HZ1  . LYS A 1 27 ? -0.971  7.475   10.388  1.00 0.00 ? 27 LYS A HZ1  1 
ATOM   424 H HZ2  . LYS A 1 27 ? -2.343  6.850   9.621   1.00 0.00 ? 27 LYS A HZ2  1 
ATOM   425 H HZ3  . LYS A 1 27 ? -1.901  8.465   9.380   1.00 0.00 ? 27 LYS A HZ3  1 
ATOM   426 N N    . TYR A 1 28 ? 1.705   12.892  7.421   1.00 0.00 ? 28 TYR A N    1 
ATOM   427 C CA   . TYR A 1 28 ? 2.634   13.865  7.983   1.00 0.00 ? 28 TYR A CA   1 
ATOM   428 C C    . TYR A 1 28 ? 2.027   15.265  7.977   1.00 0.00 ? 28 TYR A C    1 
ATOM   429 O O    . TYR A 1 28 ? 2.694   16.241  8.318   1.00 0.00 ? 28 TYR A O    1 
ATOM   430 C CB   . TYR A 1 28 ? 3.948   13.862  7.199   1.00 0.00 ? 28 TYR A CB   1 
ATOM   431 C CG   . TYR A 1 28 ? 5.152   13.501  8.039   1.00 0.00 ? 28 TYR A CG   1 
ATOM   432 C CD1  . TYR A 1 28 ? 5.347   12.200  8.484   1.00 0.00 ? 28 TYR A CD1  1 
ATOM   433 C CD2  . TYR A 1 28 ? 6.094   14.461  8.386   1.00 0.00 ? 28 TYR A CD2  1 
ATOM   434 C CE1  . TYR A 1 28 ? 6.445   11.866  9.253   1.00 0.00 ? 28 TYR A CE1  1 
ATOM   435 C CE2  . TYR A 1 28 ? 7.196   14.135  9.154   1.00 0.00 ? 28 TYR A CE2  1 
ATOM   436 C CZ   . TYR A 1 28 ? 7.367   12.836  9.584   1.00 0.00 ? 28 TYR A CZ   1 
ATOM   437 O OH   . TYR A 1 28 ? 8.463   12.508  10.350  1.00 0.00 ? 28 TYR A OH   1 
ATOM   438 H H    . TYR A 1 28 ? 1.701   12.739  6.452   1.00 0.00 ? 28 TYR A H    1 
ATOM   439 H HA   . TYR A 1 28 ? 2.835   13.579  9.004   1.00 0.00 ? 28 TYR A HA   1 
ATOM   440 H HB2  . TYR A 1 28 ? 3.877   13.144  6.395   1.00 0.00 ? 28 TYR A HB2  1 
ATOM   441 H HB3  . TYR A 1 28 ? 4.114   14.845  6.784   1.00 0.00 ? 28 TYR A HB3  1 
ATOM   442 H HD1  . TYR A 1 28 ? 4.623   11.442  8.223   1.00 0.00 ? 28 TYR A HD1  1 
ATOM   443 H HD2  . TYR A 1 28 ? 5.957   15.478  8.048   1.00 0.00 ? 28 TYR A HD2  1 
ATOM   444 H HE1  . TYR A 1 28 ? 6.579   10.848  9.590   1.00 0.00 ? 28 TYR A HE1  1 
ATOM   445 H HE2  . TYR A 1 28 ? 7.918   14.896  9.414   1.00 0.00 ? 28 TYR A HE2  1 
ATOM   446 H HH   . TYR A 1 28 ? 8.556   11.552  10.381  1.00 0.00 ? 28 TYR A HH   1 
ATOM   447 N N    . VAL A 1 29 ? 0.760   15.353  7.586   1.00 0.00 ? 29 VAL A N    1 
ATOM   448 C CA   . VAL A 1 29 ? 0.063   16.632  7.536   1.00 0.00 ? 29 VAL A CA   1 
ATOM   449 C C    . VAL A 1 29 ? -1.244  16.578  8.321   1.00 0.00 ? 29 VAL A C    1 
ATOM   450 O O    . VAL A 1 29 ? -1.770  17.610  8.740   1.00 0.00 ? 29 VAL A O    1 
ATOM   451 C CB   . VAL A 1 29 ? -0.238  17.054  6.086   1.00 0.00 ? 29 VAL A CB   1 
ATOM   452 C CG1  . VAL A 1 29 ? 1.053   17.321  5.327   1.00 0.00 ? 29 VAL A CG1  1 
ATOM   453 C CG2  . VAL A 1 29 ? -1.068  15.992  5.380   1.00 0.00 ? 29 VAL A CG2  1 
ATOM   454 H H    . VAL A 1 29 ? 0.281   14.538  7.326   1.00 0.00 ? 29 VAL A H    1 
ATOM   455 H HA   . VAL A 1 29 ? 0.707   17.378  7.979   1.00 0.00 ? 29 VAL A HA   1 
ATOM   456 H HB   . VAL A 1 29 ? -0.810  17.969  6.110   1.00 0.00 ? 29 VAL A HB   1 
ATOM   457 H HG11 . VAL A 1 29 ? 1.164   16.593  4.538   1.00 0.00 ? 29 VAL A HG11 1 
ATOM   458 H HG12 . VAL A 1 29 ? 1.021   18.313  4.901   1.00 0.00 ? 29 VAL A HG12 1 
ATOM   459 H HG13 . VAL A 1 29 ? 1.891   17.247  6.006   1.00 0.00 ? 29 VAL A HG13 1 
ATOM   460 H HG21 . VAL A 1 29 ? -1.317  16.332  4.385   1.00 0.00 ? 29 VAL A HG21 1 
ATOM   461 H HG22 . VAL A 1 29 ? -0.500  15.075  5.316   1.00 0.00 ? 29 VAL A HG22 1 
ATOM   462 H HG23 . VAL A 1 29 ? -1.975  15.814  5.938   1.00 0.00 ? 29 VAL A HG23 1 
ATOM   463 N N    . VAL A 1 30 ? -1.764  15.370  8.516   1.00 0.00 ? 30 VAL A N    1 
ATOM   464 C CA   . VAL A 1 30 ? -3.009  15.185  9.254   1.00 0.00 ? 30 VAL A CA   1 
ATOM   465 C C    . VAL A 1 30 ? -2.819  15.502  10.733  1.00 0.00 ? 30 VAL A C    1 
ATOM   466 O O    . VAL A 1 30 ? -3.732  15.995  11.396  1.00 0.00 ? 30 VAL A O    1 
ATOM   467 C CB   . VAL A 1 30 ? -3.543  13.746  9.105   1.00 0.00 ? 30 VAL A CB   1 
ATOM   468 C CG1  . VAL A 1 30 ? -2.529  12.738  9.624   1.00 0.00 ? 30 VAL A CG1  1 
ATOM   469 C CG2  . VAL A 1 30 ? -4.876  13.591  9.825   1.00 0.00 ? 30 VAL A CG2  1 
ATOM   470 H H    . VAL A 1 30 ? -1.300  14.585  8.158   1.00 0.00 ? 30 VAL A H    1 
ATOM   471 H HA   . VAL A 1 30 ? -3.743  15.863  8.843   1.00 0.00 ? 30 VAL A HA   1 
ATOM   472 H HB   . VAL A 1 30 ? -3.704  13.550  8.055   1.00 0.00 ? 30 VAL A HB   1 
ATOM   473 H HG11 . VAL A 1 30 ? -1.537  13.156  9.549   1.00 0.00 ? 30 VAL A HG11 1 
ATOM   474 H HG12 . VAL A 1 30 ? -2.747  12.508  10.657  1.00 0.00 ? 30 VAL A HG12 1 
ATOM   475 H HG13 . VAL A 1 30 ? -2.586  11.835  9.035   1.00 0.00 ? 30 VAL A HG13 1 
ATOM   476 H HG21 . VAL A 1 30 ? -4.738  13.779  10.880  1.00 0.00 ? 30 VAL A HG21 1 
ATOM   477 H HG22 . VAL A 1 30 ? -5.587  14.296  9.423   1.00 0.00 ? 30 VAL A HG22 1 
ATOM   478 H HG23 . VAL A 1 30 ? -5.246  12.587  9.684   1.00 0.00 ? 30 VAL A HG23 1 
ATOM   479 N N    . ASN A 1 31 ? -1.625  15.217  11.245  1.00 0.00 ? 31 ASN A N    1 
ATOM   480 C CA   . ASN A 1 31 ? -1.311  15.474  12.645  1.00 0.00 ? 31 ASN A CA   1 
ATOM   481 C C    . ASN A 1 31 ? -0.673  16.849  12.810  1.00 0.00 ? 31 ASN A C    1 
ATOM   482 O O    . ASN A 1 31 ? -0.667  17.414  13.904  1.00 0.00 ? 31 ASN A O    1 
ATOM   483 C CB   . ASN A 1 31 ? -0.374  14.394  13.187  1.00 0.00 ? 31 ASN A CB   1 
ATOM   484 C CG   . ASN A 1 31 ? -0.464  14.255  14.694  1.00 0.00 ? 31 ASN A CG   1 
ATOM   485 O OD1  . ASN A 1 31 ? -1.314  13.533  15.212  1.00 0.00 ? 31 ASN A OD1  1 
ATOM   486 N ND2  . ASN A 1 31 ? 0.416   14.950  15.406  1.00 0.00 ? 31 ASN A ND2  1 
ATOM   487 H H    . ASN A 1 31 ? -0.939  14.823  10.666  1.00 0.00 ? 31 ASN A H    1 
ATOM   488 H HA   . ASN A 1 31 ? -2.235  15.450  13.203  1.00 0.00 ? 31 ASN A HA   1 
ATOM   489 H HB2  . ASN A 1 31 ? -0.631  13.445  12.740  1.00 0.00 ? 31 ASN A HB2  1 
ATOM   490 H HB3  . ASN A 1 31 ? 0.644   14.645  12.925  1.00 0.00 ? 31 ASN A HB3  1 
ATOM   491 H HD21 . ASN A 1 31 ? 1.065   15.506  14.925  1.00 0.00 ? 31 ASN A HD21 1 
ATOM   492 H HD22 . ASN A 1 31 ? 0.380   14.880  16.382  1.00 0.00 ? 31 ASN A HD22 1 
ATOM   493 N N    . LYS A 1 32 ? -0.135  17.378  11.716  1.00 0.00 ? 32 LYS A N    1 
ATOM   494 C CA   . LYS A 1 32 ? 0.507   18.688  11.733  1.00 0.00 ? 32 LYS A CA   1 
ATOM   495 C C    . LYS A 1 32 ? -0.533  19.803  11.737  1.00 0.00 ? 32 LYS A C    1 
ATOM   496 O O    . LYS A 1 32 ? -0.317  20.866  12.317  1.00 0.00 ? 32 LYS A O    1 
ATOM   497 C CB   . LYS A 1 32 ? 1.430   18.841  10.523  1.00 0.00 ? 32 LYS A CB   1 
ATOM   498 C CG   . LYS A 1 32 ? 2.905   18.872  10.885  1.00 0.00 ? 32 LYS A CG   1 
ATOM   499 C CD   . LYS A 1 32 ? 3.754   19.354  9.719   1.00 0.00 ? 32 LYS A CD   1 
ATOM   500 C CE   . LYS A 1 32 ? 4.836   20.317  10.179  1.00 0.00 ? 32 LYS A CE   1 
ATOM   501 N NZ   . LYS A 1 32 ? 5.904   19.626  10.953  1.00 0.00 ? 32 LYS A NZ   1 
ATOM   502 H H    . LYS A 1 32 ? -0.171  16.876  10.875  1.00 0.00 ? 32 LYS A H    1 
ATOM   503 H HA   . LYS A 1 32 ? 1.095   18.756  12.635  1.00 0.00 ? 32 LYS A HA   1 
ATOM   504 H HB2  . LYS A 1 32 ? 1.264   18.013  9.850   1.00 0.00 ? 32 LYS A HB2  1 
ATOM   505 H HB3  . LYS A 1 32 ? 1.187   19.761  10.014  1.00 0.00 ? 32 LYS A HB3  1 
ATOM   506 H HG2  . LYS A 1 32 ? 3.047   19.541  11.721  1.00 0.00 ? 32 LYS A HG2  1 
ATOM   507 H HG3  . LYS A 1 32 ? 3.220   17.877  11.161  1.00 0.00 ? 32 LYS A HG3  1 
ATOM   508 H HD2  . LYS A 1 32 ? 4.222   18.501  9.251   1.00 0.00 ? 32 LYS A HD2  1 
ATOM   509 H HD3  . LYS A 1 32 ? 3.117   19.856  9.006   1.00 0.00 ? 32 LYS A HD3  1 
ATOM   510 H HE2  . LYS A 1 32 ? 5.278   20.784  9.311   1.00 0.00 ? 32 LYS A HE2  1 
ATOM   511 H HE3  . LYS A 1 32 ? 4.384   21.075  10.803  1.00 0.00 ? 32 LYS A HE3  1 
ATOM   512 H HZ1  . LYS A 1 32 ? 5.517   19.255  11.843  1.00 0.00 ? 32 LYS A HZ1  1 
ATOM   513 H HZ2  . LYS A 1 32 ? 6.674   20.289  11.172  1.00 0.00 ? 32 LYS A HZ2  1 
ATOM   514 H HZ3  . LYS A 1 32 ? 6.291   18.834  10.399  1.00 0.00 ? 32 LYS A HZ3  1 
ATOM   515 N N    . GLN A 1 33 ? -1.663  19.552  11.082  1.00 0.00 ? 33 GLN A N    1 
ATOM   516 C CA   . GLN A 1 33 ? -2.738  20.534  11.009  1.00 0.00 ? 33 GLN A CA   1 
ATOM   517 C C    . GLN A 1 33 ? -3.371  20.750  12.380  1.00 0.00 ? 33 GLN A C    1 
ATOM   518 O O    . GLN A 1 33 ? -3.855  21.840  12.686  1.00 0.00 ? 33 GLN A O    1 
ATOM   519 C CB   . GLN A 1 33 ? -3.805  20.082  10.009  1.00 0.00 ? 33 GLN A CB   1 
ATOM   520 C CG   . GLN A 1 33 ? -4.211  21.167  9.025   1.00 0.00 ? 33 GLN A CG   1 
ATOM   521 C CD   . GLN A 1 33 ? -5.510  20.850  8.311   1.00 0.00 ? 33 GLN A CD   1 
ATOM   522 O OE1  . GLN A 1 33 ? -6.581  20.844  8.917   1.00 0.00 ? 33 GLN A OE1  1 
ATOM   523 N NE2  . GLN A 1 33 ? -5.421  20.584  7.012   1.00 0.00 ? 33 GLN A NE2  1 
ATOM   524 H H    . GLN A 1 33 ? -1.776  18.686  10.637  1.00 0.00 ? 33 GLN A H    1 
ATOM   525 H HA   . GLN A 1 33 ? -2.313  21.467  10.671  1.00 0.00 ? 33 GLN A HA   1 
ATOM   526 H HB2  . GLN A 1 33 ? -3.424  19.242  9.449   1.00 0.00 ? 33 GLN A HB2  1 
ATOM   527 H HB3  . GLN A 1 33 ? -4.685  19.772  10.553  1.00 0.00 ? 33 GLN A HB3  1 
ATOM   528 H HG2  . GLN A 1 33 ? -4.332  22.095  9.562   1.00 0.00 ? 33 GLN A HG2  1 
ATOM   529 H HG3  . GLN A 1 33 ? -3.429  21.278  8.288   1.00 0.00 ? 33 GLN A HG3  1 
ATOM   530 H HE21 . GLN A 1 33 ? -4.535  20.606  6.595   1.00 0.00 ? 33 GLN A HE21 1 
ATOM   531 H HE22 . GLN A 1 33 ? -6.245  20.375  6.525   1.00 0.00 ? 33 GLN A HE22 1 
ATOM   532 N N    . MET A 1 34 ? -3.362  19.705  13.202  1.00 0.00 ? 34 MET A N    1 
ATOM   533 C CA   . MET A 1 34 ? -3.934  19.780  14.540  1.00 0.00 ? 34 MET A CA   1 
ATOM   534 C C    . MET A 1 34 ? -3.098  20.682  15.440  1.00 0.00 ? 34 MET A C    1 
ATOM   535 O O    . MET A 1 34 ? -3.633  21.413  16.275  1.00 0.00 ? 34 MET A O    1 
ATOM   536 C CB   . MET A 1 34 ? -4.035  18.382  15.153  1.00 0.00 ? 34 MET A CB   1 
ATOM   537 C CG   . MET A 1 34 ? -5.466  17.907  15.352  1.00 0.00 ? 34 MET A CG   1 
ATOM   538 S SD   . MET A 1 34 ? -5.949  17.869  17.089  1.00 0.00 ? 34 MET A SD   1 
ATOM   539 C CE   . MET A 1 34 ? -7.705  18.197  16.959  1.00 0.00 ? 34 MET A CE   1 
ATOM   540 H H    . MET A 1 34 ? -2.961  18.864  12.899  1.00 0.00 ? 34 MET A H    1 
ATOM   541 H HA   . MET A 1 34 ? -4.926  20.198  14.454  1.00 0.00 ? 34 MET A HA   1 
ATOM   542 H HB2  . MET A 1 34 ? -3.533  17.680  14.504  1.00 0.00 ? 34 MET A HB2  1 
ATOM   543 H HB3  . MET A 1 34 ? -3.543  18.386  16.115  1.00 0.00 ? 34 MET A HB3  1 
ATOM   544 H HG2  . MET A 1 34 ? -6.129  18.577  14.824  1.00 0.00 ? 34 MET A HG2  1 
ATOM   545 H HG3  . MET A 1 34 ? -5.561  16.912  14.943  1.00 0.00 ? 34 MET A HG3  1 
ATOM   546 H HE1  . MET A 1 34 ? -7.948  18.458  15.939  1.00 0.00 ? 34 MET A HE1  1 
ATOM   547 H HE2  . MET A 1 34 ? -8.258  17.314  17.246  1.00 0.00 ? 34 MET A HE2  1 
ATOM   548 H HE3  . MET A 1 34 ? -7.968  19.015  17.612  1.00 0.00 ? 34 MET A HE3  1 
ATOM   549 N N    . GLU A 1 35 ? -1.781  20.627  15.263  1.00 0.00 ? 35 GLU A N    1 
ATOM   550 C CA   . GLU A 1 35 ? -0.866  21.439  16.059  1.00 0.00 ? 35 GLU A CA   1 
ATOM   551 C C    . GLU A 1 35 ? -1.127  22.925  15.839  1.00 0.00 ? 35 GLU A C    1 
ATOM   552 O O    . GLU A 1 35 ? -1.175  23.704  16.790  1.00 0.00 ? 35 GLU A O    1 
ATOM   553 C CB   . GLU A 1 35 ? 0.584   21.105  15.704  1.00 0.00 ? 35 GLU A CB   1 
ATOM   554 C CG   . GLU A 1 35 ? 1.190   20.017  16.576  1.00 0.00 ? 35 GLU A CG   1 
ATOM   555 C CD   . GLU A 1 35 ? 2.131   20.570  17.628  1.00 0.00 ? 35 GLU A CD   1 
ATOM   556 O OE1  . GLU A 1 35 ? 1.726   21.498  18.358  1.00 0.00 ? 35 GLU A OE1  1 
ATOM   557 O OE2  . GLU A 1 35 ? 3.274   20.074  17.723  1.00 0.00 ? 35 GLU A OE2  1 
ATOM   558 H H    . GLU A 1 35 ? -1.415  20.024  14.582  1.00 0.00 ? 35 GLU A H    1 
ATOM   559 H HA   . GLU A 1 35 ? -1.035  21.205  17.099  1.00 0.00 ? 35 GLU A HA   1 
ATOM   560 H HB2  . GLU A 1 35 ? 0.625   20.776  14.675  1.00 0.00 ? 35 GLU A HB2  1 
ATOM   561 H HB3  . GLU A 1 35 ? 1.183   21.997  15.810  1.00 0.00 ? 35 GLU A HB3  1 
ATOM   562 H HG2  . GLU A 1 35 ? 0.392   19.486  17.072  1.00 0.00 ? 35 GLU A HG2  1 
ATOM   563 H HG3  . GLU A 1 35 ? 1.740   19.332  15.946  1.00 0.00 ? 35 GLU A HG3  1 
HETATM 564 N N    . NH2 A 1 36 ? -1.297  23.318  14.582  1.00 0.00 ? 36 NH2 A N    1 
HETATM 565 H HN1  . NH2 A 1 36 ? -1.244  22.642  13.875  1.00 0.00 ? 36 NH2 A HN1  1 
HETATM 566 H HN2  . NH2 A 1 36 ? -1.468  24.268  14.414  1.00 0.00 ? 36 NH2 A HN2  1 
# 
